data_3GW5
#
_entry.id   3GW5
#
_cell.length_a   54.203
_cell.length_b   97.069
_cell.length_c   149.546
_cell.angle_alpha   90.000
_cell.angle_beta   90.000
_cell.angle_gamma   90.000
#
_symmetry.space_group_name_H-M   'P 21 21 21'
#
loop_
_entity.id
_entity.type
_entity.pdbx_description
1 polymer Renin
2 branched 2-acetamido-2-deoxy-beta-D-glucopyranose-(1-4)-2-acetamido-2-deoxy-beta-D-glucopyranose
3 non-polymer (3R)-3-[(1S)-1-(3-chlorophenyl)-1-hydroxy-5-methoxypentyl]-N-{(1S)-2-cyclohexyl-1-[(methylamino)methyl]ethyl}piperidine-1-carboxamide
4 non-polymer GLYCEROL
5 non-polymer 'CHLORIDE ION'
6 non-polymer 2-acetamido-2-deoxy-beta-D-glucopyranose
7 water water
#
_entity_poly.entity_id   1
_entity_poly.type   'polypeptide(L)'
_entity_poly.pdbx_seq_one_letter_code
;GNTTSSVILTNYMDTQYYGEIGIGTPPQTFKVVFDTGSSNVWVPSSKCSRLYTACVYHKLFDASDSSSYKHNGTELTLRY
STGTVSGFLSQDIITVGGITVTQMFGEVTEMPALPFMLAEFDGVVGMGFIEQAIGRVTPIFDNIISQGVLKEDVFSFYYN
RDSENSQSLGGQIVLGGSDPQHYEGNFHYINLIKTGVWQIQMKGVSVGSSTLLCEDGCLALVDTGASYISGSTSSIEKLM
EALGAKKRLFDYVVKCNEGPTLPDISFHLGGKEYTLTSADYVFQESYSSKKLCTLAIHAMDIPPPTGPTWALGATFIRKF
YTEFDRRNNRIGFALAR
;
_entity_poly.pdbx_strand_id   A,B
#
loop_
_chem_comp.id
_chem_comp.type
_chem_comp.name
_chem_comp.formula
72X non-polymer (3R)-3-[(1S)-1-(3-chlorophenyl)-1-hydroxy-5-methoxypentyl]-N-{(1S)-2-cyclohexyl-1-[(methylamino)methyl]ethyl}piperidine-1-carboxamide 'C28 H46 Cl N3 O3'
CL non-polymer 'CHLORIDE ION' 'Cl -1'
GOL non-polymer GLYCEROL 'C3 H8 O3'
NAG D-saccharide, beta linking 2-acetamido-2-deoxy-beta-D-glucopyranose 'C8 H15 N O6'
#
# COMPACT_ATOMS: atom_id res chain seq x y z
N GLY A 1 -10.26 -20.63 -37.57
CA GLY A 1 -11.20 -21.53 -36.83
C GLY A 1 -12.53 -20.86 -36.52
N ASN A 2 -13.30 -21.48 -35.63
CA ASN A 2 -14.62 -20.96 -35.27
C ASN A 2 -14.81 -20.94 -33.75
N THR A 3 -13.71 -21.01 -33.02
CA THR A 3 -13.76 -21.14 -31.56
C THR A 3 -13.82 -19.81 -30.83
N THR A 4 -14.64 -19.74 -29.79
CA THR A 4 -14.59 -18.64 -28.83
C THR A 4 -14.74 -19.20 -27.42
N SER A 5 -13.66 -19.18 -26.65
CA SER A 5 -13.70 -19.65 -25.28
C SER A 5 -14.02 -18.51 -24.32
N SER A 6 -14.78 -18.82 -23.27
CA SER A 6 -15.09 -17.84 -22.24
C SER A 6 -14.42 -18.25 -20.94
N VAL A 7 -14.00 -17.26 -20.16
CA VAL A 7 -13.48 -17.53 -18.82
C VAL A 7 -14.22 -16.71 -17.79
N ILE A 8 -14.79 -17.41 -16.81
CA ILE A 8 -15.51 -16.76 -15.73
C ILE A 8 -14.52 -16.07 -14.80
N LEU A 9 -14.84 -14.84 -14.41
CA LEU A 9 -13.96 -14.07 -13.55
C LEU A 9 -14.63 -13.83 -12.21
N THR A 10 -13.82 -13.86 -11.15
CA THR A 10 -14.30 -13.53 -9.82
C THR A 10 -14.12 -12.04 -9.57
N ASN A 11 -15.12 -11.43 -8.95
CA ASN A 11 -15.09 -10.02 -8.61
C ASN A 11 -15.00 -9.89 -7.10
N TYR A 12 -13.86 -9.42 -6.63
CA TYR A 12 -13.68 -9.19 -5.22
C TYR A 12 -13.84 -7.70 -4.91
N MET A 13 -14.98 -7.37 -4.32
CA MET A 13 -15.25 -6.01 -3.84
C MET A 13 -15.13 -4.94 -4.92
N ASP A 14 -15.34 -5.33 -6.17
CA ASP A 14 -15.27 -4.38 -7.27
C ASP A 14 -13.90 -3.72 -7.40
N THR A 15 -12.87 -4.34 -6.81
CA THR A 15 -11.52 -3.81 -6.96
C THR A 15 -10.54 -4.83 -7.55
N GLN A 16 -10.76 -6.12 -7.31
CA GLN A 16 -9.91 -7.14 -7.93
C GLN A 16 -10.71 -8.11 -8.79
N TYR A 17 -10.35 -8.19 -10.07
CA TYR A 17 -10.98 -9.15 -10.98
C TYR A 17 -9.96 -10.15 -11.47
N TYR A 18 -10.27 -11.44 -11.32
CA TYR A 18 -9.35 -12.49 -11.77
C TYR A 18 -10.10 -13.75 -12.14
N GLY A 19 -9.44 -14.62 -12.90
CA GLY A 19 -10.02 -15.87 -13.30
C GLY A 19 -9.07 -17.01 -12.97
N GLU A 20 -9.23 -18.12 -13.67
CA GLU A 20 -8.46 -19.32 -13.35
C GLU A 20 -7.82 -19.91 -14.61
N ILE A 21 -6.57 -20.35 -14.48
CA ILE A 21 -5.92 -21.09 -15.54
C ILE A 21 -5.32 -22.38 -14.99
N GLY A 22 -5.02 -23.31 -15.87
CA GLY A 22 -4.42 -24.56 -15.44
C GLY A 22 -3.05 -24.72 -16.05
N ILE A 23 -2.06 -25.05 -15.22
CA ILE A 23 -0.70 -25.22 -15.71
C ILE A 23 -0.19 -26.63 -15.44
N GLY A 24 0.35 -27.27 -16.47
CA GLY A 24 1.02 -28.54 -16.30
C GLY A 24 0.18 -29.74 -16.65
N THR A 25 0.77 -30.93 -16.49
CA THR A 25 0.05 -32.19 -16.60
C THR A 25 0.39 -33.08 -15.41
N PRO A 26 -0.61 -33.42 -14.58
CA PRO A 26 -1.98 -32.89 -14.69
C PRO A 26 -2.00 -31.40 -14.34
N PRO A 27 -3.09 -30.71 -14.67
CA PRO A 27 -3.17 -29.26 -14.48
C PRO A 27 -3.15 -28.80 -13.03
N GLN A 28 -2.26 -27.85 -12.74
CA GLN A 28 -2.26 -27.15 -11.46
C GLN A 28 -2.99 -25.83 -11.67
N THR A 29 -3.99 -25.56 -10.85
CA THR A 29 -4.85 -24.41 -11.05
C THR A 29 -4.32 -23.18 -10.35
N PHE A 30 -4.41 -22.04 -11.03
CA PHE A 30 -4.04 -20.77 -10.41
C PHE A 30 -5.09 -19.70 -10.66
N LYS A 31 -5.28 -18.84 -9.67
CA LYS A 31 -6.04 -17.60 -9.85
C LYS A 31 -5.10 -16.53 -10.38
N VAL A 32 -5.44 -15.94 -11.52
CA VAL A 32 -4.58 -14.94 -12.14
C VAL A 32 -5.37 -13.74 -12.64
N VAL A 33 -4.70 -12.59 -12.67
CA VAL A 33 -5.23 -11.39 -13.31
C VAL A 33 -4.90 -11.41 -14.80
N PHE A 34 -5.89 -11.13 -15.63
CA PHE A 34 -5.67 -10.98 -17.07
C PHE A 34 -5.49 -9.50 -17.39
N ASP A 35 -4.25 -9.14 -17.71
CA ASP A 35 -3.81 -7.76 -17.61
C ASP A 35 -3.36 -7.23 -18.97
N THR A 36 -4.16 -6.35 -19.57
CA THR A 36 -3.81 -5.81 -20.87
C THR A 36 -2.67 -4.79 -20.78
N GLY A 37 -2.35 -4.37 -19.56
CA GLY A 37 -1.26 -3.44 -19.38
C GLY A 37 0.11 -4.08 -19.29
N SER A 38 0.15 -5.41 -19.31
CA SER A 38 1.44 -6.10 -19.30
C SER A 38 1.35 -7.35 -20.16
N SER A 39 2.49 -8.01 -20.34
CA SER A 39 2.60 -9.01 -21.41
C SER A 39 3.26 -10.31 -20.97
N ASN A 40 3.65 -10.41 -19.71
CA ASN A 40 4.23 -11.66 -19.22
C ASN A 40 3.22 -12.50 -18.44
N VAL A 41 3.37 -13.82 -18.54
CA VAL A 41 2.68 -14.76 -17.66
C VAL A 41 3.60 -15.22 -16.52
N TRP A 42 3.07 -15.22 -15.32
CA TRP A 42 3.82 -15.75 -14.18
C TRP A 42 2.93 -16.24 -13.06
N VAL A 43 3.42 -17.22 -12.30
CA VAL A 43 2.80 -17.64 -11.05
C VAL A 43 3.85 -17.95 -10.01
N PRO A 44 3.48 -17.95 -8.72
CA PRO A 44 4.46 -18.27 -7.68
C PRO A 44 5.00 -19.70 -7.82
N SER A 45 6.29 -19.87 -7.56
CA SER A 45 6.97 -21.15 -7.72
C SER A 45 7.07 -21.92 -6.40
N SER A 46 7.08 -23.25 -6.47
CA SER A 46 7.35 -24.07 -5.29
C SER A 46 8.77 -23.82 -4.76
N LYS A 47 9.61 -23.20 -5.58
CA LYS A 47 10.96 -22.89 -5.15
C LYS A 47 11.05 -21.52 -4.48
N CYS A 48 9.92 -20.83 -4.38
CA CYS A 48 9.88 -19.58 -3.65
C CYS A 48 9.95 -19.86 -2.15
N SER A 49 10.89 -19.20 -1.48
CA SER A 49 11.08 -19.42 -0.06
C SER A 49 9.88 -18.94 0.76
N ARG A 50 9.50 -19.73 1.75
CA ARG A 50 8.46 -19.35 2.69
C ARG A 50 8.90 -18.12 3.49
N LEU A 51 10.14 -17.70 3.29
CA LEU A 51 10.62 -16.43 3.81
C LEU A 51 9.78 -15.30 3.22
N TYR A 52 9.27 -15.53 2.01
CA TYR A 52 8.28 -14.64 1.43
C TYR A 52 6.89 -15.10 1.86
N THR A 53 6.24 -14.28 2.67
CA THR A 53 4.91 -14.60 3.19
C THR A 53 3.90 -14.75 2.06
N ALA A 54 4.08 -13.98 0.98
CA ALA A 54 3.16 -14.09 -0.14
C ALA A 54 3.22 -15.50 -0.73
N CYS A 55 4.35 -16.17 -0.59
CA CYS A 55 4.48 -17.53 -1.08
C CYS A 55 4.05 -18.59 -0.08
N VAL A 56 3.73 -18.17 1.14
CA VAL A 56 3.04 -19.04 2.08
C VAL A 56 1.53 -19.03 1.81
N TYR A 57 1.00 -17.87 1.45
CA TYR A 57 -0.45 -17.72 1.34
C TYR A 57 -1.01 -17.78 -0.08
N HIS A 58 -0.17 -18.09 -1.06
CA HIS A 58 -0.65 -18.31 -2.43
C HIS A 58 -0.23 -19.66 -3.01
N LYS A 59 -0.95 -20.12 -4.04
CA LYS A 59 -0.62 -21.37 -4.71
C LYS A 59 0.74 -21.31 -5.41
N LEU A 60 1.51 -22.39 -5.25
CA LEU A 60 2.83 -22.48 -5.87
C LEU A 60 2.79 -23.52 -6.97
N PHE A 61 3.55 -23.27 -8.05
CA PHE A 61 3.67 -24.24 -9.12
C PHE A 61 4.83 -25.20 -8.87
N ASP A 62 4.55 -26.50 -8.94
CA ASP A 62 5.56 -27.52 -8.68
C ASP A 62 5.92 -28.20 -9.99
N ALA A 63 7.02 -27.78 -10.58
CA ALA A 63 7.39 -28.26 -11.91
C ALA A 63 7.53 -29.79 -11.90
N SER A 64 7.98 -30.35 -10.78
CA SER A 64 8.27 -31.77 -10.73
C SER A 64 6.99 -32.61 -10.62
N ASP A 65 5.83 -31.96 -10.63
CA ASP A 65 4.56 -32.69 -10.70
C ASP A 65 3.95 -32.69 -12.10
N SER A 66 4.59 -32.02 -13.05
CA SER A 66 4.06 -31.95 -14.41
C SER A 66 4.93 -32.70 -15.41
N SER A 67 4.31 -33.59 -16.17
CA SER A 67 5.01 -34.39 -17.17
C SER A 67 5.27 -33.59 -18.44
N SER A 68 4.49 -32.54 -18.64
CA SER A 68 4.66 -31.69 -19.81
C SER A 68 5.64 -30.54 -19.55
N TYR A 69 6.15 -30.45 -18.32
CA TYR A 69 7.06 -29.36 -17.95
C TYR A 69 8.39 -29.45 -18.67
N LYS A 70 8.87 -28.31 -19.16
CA LYS A 70 10.14 -28.30 -19.86
C LYS A 70 11.04 -27.18 -19.34
N HIS A 71 12.20 -27.55 -18.82
CA HIS A 71 13.08 -26.62 -18.13
C HIS A 71 13.70 -25.55 -19.03
N ASN A 72 13.83 -24.35 -18.49
CA ASN A 72 14.57 -23.30 -19.17
C ASN A 72 15.55 -22.64 -18.20
N GLY A 73 15.04 -21.96 -17.19
CA GLY A 73 15.90 -21.49 -16.11
C GLY A 73 16.44 -20.08 -16.26
N THR A 74 16.15 -19.43 -17.39
CA THR A 74 16.63 -18.07 -17.59
C THR A 74 15.96 -17.15 -16.57
N GLU A 75 16.74 -16.24 -16.03
CA GLU A 75 16.26 -15.34 -14.97
C GLU A 75 15.26 -14.34 -15.52
N LEU A 76 14.23 -14.06 -14.74
CA LEU A 76 13.25 -13.08 -15.13
C LEU A 76 12.96 -12.13 -13.98
N THR A 77 12.94 -10.83 -14.28
CA THR A 77 12.55 -9.84 -13.29
C THR A 77 11.48 -8.91 -13.87
N LEU A 78 10.34 -8.82 -13.21
CA LEU A 78 9.25 -7.97 -13.69
C LEU A 78 8.97 -6.83 -12.72
N ARG A 79 9.21 -5.61 -13.18
CA ARG A 79 8.94 -4.44 -12.33
C ARG A 79 7.64 -3.76 -12.76
N TYR A 80 6.62 -3.89 -11.93
CA TYR A 80 5.40 -3.10 -12.12
C TYR A 80 5.50 -1.86 -11.24
N SER A 81 4.66 -0.87 -11.48
CA SER A 81 4.67 0.34 -10.66
C SER A 81 4.57 -0.02 -9.20
N THR A 82 3.72 -1.01 -8.90
CA THR A 82 3.33 -1.35 -7.54
C THR A 82 4.25 -2.37 -6.87
N GLY A 83 5.32 -2.77 -7.55
CA GLY A 83 6.24 -3.70 -6.95
C GLY A 83 6.83 -4.71 -7.91
N THR A 84 7.96 -5.30 -7.54
CA THR A 84 8.73 -6.17 -8.41
C THR A 84 8.69 -7.63 -7.99
N VAL A 85 8.58 -8.52 -8.97
CA VAL A 85 8.81 -9.92 -8.73
C VAL A 85 9.92 -10.47 -9.62
N SER A 86 10.55 -11.54 -9.16
CA SER A 86 11.66 -12.15 -9.89
C SER A 86 11.58 -13.65 -9.76
N GLY A 87 12.27 -14.34 -10.67
CA GLY A 87 12.29 -15.78 -10.70
C GLY A 87 12.97 -16.22 -11.98
N PHE A 88 12.52 -17.32 -12.56
CA PHE A 88 13.12 -17.85 -13.77
C PHE A 88 12.04 -18.38 -14.72
N LEU A 89 12.41 -18.54 -15.98
CA LEU A 89 11.50 -19.02 -17.01
C LEU A 89 11.35 -20.53 -17.02
N SER A 90 10.11 -20.97 -17.26
CA SER A 90 9.78 -22.39 -17.38
C SER A 90 8.78 -22.51 -18.54
N GLN A 91 8.80 -23.63 -19.23
CA GLN A 91 7.76 -23.90 -20.23
C GLN A 91 6.85 -25.04 -19.83
N ASP A 92 5.55 -24.87 -20.04
CA ASP A 92 4.58 -25.93 -19.79
C ASP A 92 3.29 -25.64 -20.56
N ILE A 93 2.35 -26.58 -20.52
CA ILE A 93 1.06 -26.40 -21.16
C ILE A 93 0.14 -25.60 -20.25
N ILE A 94 -0.50 -24.57 -20.81
CA ILE A 94 -1.44 -23.76 -20.05
C ILE A 94 -2.84 -23.81 -20.67
N THR A 95 -3.84 -24.13 -19.85
CA THR A 95 -5.21 -24.08 -20.32
C THR A 95 -5.90 -22.82 -19.80
N VAL A 96 -6.58 -22.14 -20.72
CA VAL A 96 -7.40 -20.98 -20.41
C VAL A 96 -8.71 -21.15 -21.16
N GLY A 97 -9.82 -21.23 -20.44
CA GLY A 97 -11.07 -21.60 -21.07
C GLY A 97 -10.94 -23.01 -21.65
N GLY A 98 -11.41 -23.19 -22.87
CA GLY A 98 -11.28 -24.50 -23.49
C GLY A 98 -9.97 -24.65 -24.24
N ILE A 99 -9.25 -23.54 -24.36
CA ILE A 99 -8.03 -23.52 -25.15
C ILE A 99 -6.83 -24.04 -24.37
N THR A 100 -5.89 -24.65 -25.08
CA THR A 100 -4.69 -25.19 -24.48
C THR A 100 -3.46 -24.79 -25.29
N VAL A 101 -2.52 -24.08 -24.65
CA VAL A 101 -1.35 -23.59 -25.36
C VAL A 101 -0.04 -23.85 -24.61
N THR A 102 1.01 -24.20 -25.35
CA THR A 102 2.33 -24.34 -24.76
C THR A 102 2.93 -22.94 -24.60
N GLN A 103 3.19 -22.57 -23.36
CA GLN A 103 3.54 -21.19 -23.02
C GLN A 103 4.81 -21.11 -22.17
N MET A 104 5.65 -20.13 -22.47
CA MET A 104 6.77 -19.81 -21.58
C MET A 104 6.29 -18.80 -20.53
N PHE A 105 6.56 -19.07 -19.26
CA PHE A 105 6.10 -18.21 -18.18
C PHE A 105 7.12 -18.10 -17.04
N GLY A 106 6.90 -17.14 -16.14
CA GLY A 106 7.75 -17.00 -14.99
C GLY A 106 7.32 -17.86 -13.81
N GLU A 107 8.27 -18.61 -13.25
CA GLU A 107 8.10 -19.16 -11.91
C GLU A 107 8.70 -18.14 -10.96
N VAL A 108 7.86 -17.50 -10.16
CA VAL A 108 8.32 -16.45 -9.27
C VAL A 108 8.84 -17.00 -7.96
N THR A 109 10.04 -16.56 -7.58
CA THR A 109 10.69 -17.03 -6.37
C THR A 109 10.94 -15.88 -5.41
N GLU A 110 10.63 -14.67 -5.85
CA GLU A 110 10.75 -13.50 -4.98
C GLU A 110 9.51 -12.62 -5.15
N MET A 111 8.77 -12.47 -4.06
CA MET A 111 7.43 -11.90 -4.11
C MET A 111 7.19 -11.07 -2.85
N PRO A 112 7.32 -9.73 -2.96
CA PRO A 112 7.24 -8.83 -1.80
C PRO A 112 5.85 -8.79 -1.17
N ALA A 113 5.82 -8.65 0.15
CA ALA A 113 4.56 -8.59 0.88
C ALA A 113 3.67 -7.43 0.39
N LEU A 114 4.29 -6.31 0.08
CA LEU A 114 3.60 -5.22 -0.59
C LEU A 114 3.94 -5.30 -2.08
N PRO A 115 2.92 -5.53 -2.93
CA PRO A 115 1.49 -5.54 -2.62
C PRO A 115 0.86 -6.93 -2.42
N PHE A 116 1.64 -8.00 -2.63
CA PHE A 116 1.03 -9.30 -2.88
C PHE A 116 0.34 -9.99 -1.72
N MET A 117 0.66 -9.60 -0.48
CA MET A 117 -0.13 -10.10 0.64
C MET A 117 -1.54 -9.51 0.63
N LEU A 118 -1.80 -8.59 -0.30
CA LEU A 118 -3.16 -8.08 -0.50
C LEU A 118 -3.84 -8.71 -1.71
N ALA A 119 -3.11 -9.53 -2.47
CA ALA A 119 -3.65 -10.11 -3.70
C ALA A 119 -4.57 -11.29 -3.41
N GLU A 120 -5.77 -11.27 -4.00
CA GLU A 120 -6.67 -12.40 -3.88
C GLU A 120 -6.40 -13.44 -4.97
N PHE A 121 -5.42 -13.14 -5.82
CA PHE A 121 -5.06 -14.01 -6.94
C PHE A 121 -3.60 -14.44 -6.75
N ASP A 122 -3.16 -15.43 -7.51
CA ASP A 122 -1.80 -15.94 -7.38
C ASP A 122 -0.83 -15.29 -8.37
N GLY A 123 -1.25 -15.14 -9.62
CA GLY A 123 -0.34 -14.68 -10.66
C GLY A 123 -1.01 -13.75 -11.67
N VAL A 124 -0.33 -13.48 -12.79
CA VAL A 124 -0.95 -12.71 -13.83
C VAL A 124 -0.72 -13.28 -15.22
N VAL A 125 -1.72 -13.10 -16.07
CA VAL A 125 -1.58 -13.42 -17.48
C VAL A 125 -1.65 -12.12 -18.25
N GLY A 126 -0.49 -11.66 -18.73
CA GLY A 126 -0.44 -10.41 -19.46
C GLY A 126 -1.07 -10.55 -20.84
N MET A 127 -2.02 -9.67 -21.15
CA MET A 127 -2.72 -9.70 -22.42
C MET A 127 -2.20 -8.62 -23.37
N GLY A 128 -1.08 -8.01 -23.00
CA GLY A 128 -0.47 -7.01 -23.86
C GLY A 128 0.32 -7.61 -25.01
N PHE A 129 1.04 -6.74 -25.73
CA PHE A 129 1.76 -7.11 -26.95
C PHE A 129 3.18 -7.58 -26.61
N ILE A 130 3.80 -8.31 -27.53
CA ILE A 130 5.15 -8.81 -27.32
C ILE A 130 6.12 -7.64 -27.14
N GLU A 131 5.78 -6.47 -27.66
CA GLU A 131 6.61 -5.30 -27.52
C GLU A 131 6.84 -4.94 -26.04
N GLN A 132 5.89 -5.30 -25.17
CA GLN A 132 6.01 -4.97 -23.75
C GLN A 132 6.50 -6.17 -22.93
N ALA A 133 6.68 -7.31 -23.59
CA ALA A 133 7.09 -8.50 -22.87
C ALA A 133 8.54 -8.37 -22.42
N ILE A 134 8.79 -8.56 -21.12
CA ILE A 134 10.14 -8.61 -20.62
C ILE A 134 10.77 -9.94 -21.05
N GLY A 135 12.03 -9.89 -21.48
CA GLY A 135 12.71 -11.10 -21.91
C GLY A 135 12.27 -11.53 -23.29
N ARG A 136 11.51 -10.67 -23.96
CA ARG A 136 10.83 -11.00 -25.20
C ARG A 136 10.24 -12.40 -25.25
N VAL A 137 9.62 -12.82 -24.15
CA VAL A 137 8.83 -14.05 -24.17
C VAL A 137 7.55 -13.78 -24.96
N THR A 138 7.22 -14.72 -25.86
CA THR A 138 6.02 -14.58 -26.68
C THR A 138 4.79 -14.63 -25.79
N PRO A 139 3.99 -13.56 -25.78
CA PRO A 139 2.77 -13.51 -24.96
C PRO A 139 1.83 -14.65 -25.29
N ILE A 140 1.00 -15.01 -24.31
CA ILE A 140 0.12 -16.13 -24.47
C ILE A 140 -0.91 -15.92 -25.59
N PHE A 141 -1.45 -14.72 -25.74
CA PHE A 141 -2.45 -14.51 -26.78
C PHE A 141 -1.83 -14.65 -28.17
N ASP A 142 -0.56 -14.28 -28.29
CA ASP A 142 0.18 -14.46 -29.53
C ASP A 142 0.31 -15.94 -29.86
N ASN A 143 0.61 -16.76 -28.85
CA ASN A 143 0.67 -18.20 -29.03
C ASN A 143 -0.69 -18.80 -29.38
N ILE A 144 -1.76 -18.22 -28.83
CA ILE A 144 -3.10 -18.70 -29.15
C ILE A 144 -3.49 -18.33 -30.59
N ILE A 145 -3.22 -17.10 -31.00
CA ILE A 145 -3.44 -16.71 -32.39
C ILE A 145 -2.70 -17.67 -33.33
N SER A 146 -1.48 -18.05 -32.95
CA SER A 146 -0.67 -18.95 -33.78
C SER A 146 -1.37 -20.28 -34.00
N GLN A 147 -2.26 -20.66 -33.09
CA GLN A 147 -2.96 -21.93 -33.20
C GLN A 147 -3.99 -21.92 -34.33
N GLY A 148 -4.50 -20.75 -34.64
CA GLY A 148 -5.50 -20.64 -35.70
C GLY A 148 -6.81 -21.32 -35.33
N VAL A 149 -7.19 -21.24 -34.06
CA VAL A 149 -8.43 -21.82 -33.60
C VAL A 149 -9.52 -20.75 -33.39
N LEU A 150 -9.09 -19.50 -33.24
CA LEU A 150 -10.00 -18.41 -32.89
C LEU A 150 -10.84 -17.94 -34.08
N LYS A 151 -12.14 -17.78 -33.84
CA LYS A 151 -13.04 -17.21 -34.85
C LYS A 151 -12.53 -15.85 -35.31
N GLU A 152 -12.12 -15.03 -34.35
CA GLU A 152 -11.51 -13.74 -34.64
C GLU A 152 -10.35 -13.48 -33.69
N ASP A 153 -9.35 -12.73 -34.17
CA ASP A 153 -8.19 -12.42 -33.35
C ASP A 153 -8.47 -11.23 -32.46
N VAL A 154 -9.43 -11.41 -31.57
CA VAL A 154 -9.84 -10.41 -30.60
C VAL A 154 -10.08 -11.11 -29.26
N PHE A 155 -10.06 -10.35 -28.18
CA PHE A 155 -10.58 -10.84 -26.91
C PHE A 155 -11.31 -9.72 -26.20
N SER A 156 -12.24 -10.07 -25.32
CA SER A 156 -13.09 -9.05 -24.70
C SER A 156 -13.33 -9.24 -23.20
N PHE A 157 -13.58 -8.13 -22.51
CA PHE A 157 -13.79 -8.16 -21.07
C PHE A 157 -15.17 -7.66 -20.66
N TYR A 158 -15.83 -8.44 -19.81
CA TYR A 158 -16.98 -7.95 -19.07
C TYR A 158 -16.63 -7.98 -17.59
N TYR A 159 -16.69 -6.82 -16.95
CA TYR A 159 -16.53 -6.73 -15.50
C TYR A 159 -17.90 -6.35 -14.98
N ASN A 160 -18.37 -7.07 -13.94
CA ASN A 160 -19.68 -6.80 -13.38
C ASN A 160 -19.57 -6.02 -12.09
N ARG A 161 -20.67 -5.39 -11.68
CA ARG A 161 -20.75 -4.79 -10.35
C ARG A 161 -20.92 -5.91 -9.33
N ASP A 162 -20.39 -5.70 -8.13
CA ASP A 162 -20.37 -6.73 -7.10
C ASP A 162 -21.78 -6.88 -6.51
N SER A 163 -22.25 -8.11 -6.42
CA SER A 163 -23.61 -8.36 -5.92
C SER A 163 -23.61 -9.42 -4.83
N GLU A 164 -24.24 -9.10 -3.71
CA GLU A 164 -24.35 -10.01 -2.57
C GLU A 164 -24.81 -11.41 -2.98
N ASN A 165 -25.45 -11.50 -4.14
CA ASN A 165 -26.10 -12.75 -4.56
C ASN A 165 -25.11 -13.85 -4.92
N SER A 166 -25.48 -15.09 -4.59
CA SER A 166 -24.59 -16.23 -4.72
C SER A 166 -24.14 -16.53 -6.15
N GLN A 167 -25.10 -16.57 -7.08
CA GLN A 167 -24.78 -16.73 -8.49
C GLN A 167 -24.01 -15.51 -8.95
N SER A 168 -24.68 -14.61 -9.65
CA SER A 168 -24.11 -13.32 -10.03
C SER A 168 -22.69 -13.44 -10.62
N LEU A 169 -22.60 -13.37 -11.94
CA LEU A 169 -21.31 -13.45 -12.63
C LEU A 169 -20.45 -12.23 -12.32
N GLY A 170 -19.26 -12.46 -11.75
CA GLY A 170 -18.39 -11.37 -11.37
C GLY A 170 -17.79 -10.69 -12.58
N GLY A 171 -17.55 -11.48 -13.62
CA GLY A 171 -17.04 -10.93 -14.87
C GLY A 171 -16.77 -12.05 -15.86
N GLN A 172 -16.46 -11.68 -17.09
CA GLN A 172 -16.19 -12.67 -18.13
C GLN A 172 -15.21 -12.17 -19.19
N ILE A 173 -14.27 -13.02 -19.56
CA ILE A 173 -13.48 -12.77 -20.75
C ILE A 173 -13.83 -13.77 -21.84
N VAL A 174 -13.89 -13.28 -23.08
CA VAL A 174 -14.05 -14.14 -24.23
C VAL A 174 -12.84 -14.06 -25.14
N LEU A 175 -12.28 -15.21 -25.47
CA LEU A 175 -11.22 -15.30 -26.44
C LEU A 175 -11.85 -15.64 -27.79
N GLY A 176 -11.70 -14.76 -28.77
CA GLY A 176 -12.24 -15.02 -30.07
C GLY A 176 -13.40 -14.13 -30.45
N GLY A 177 -13.89 -13.34 -29.51
CA GLY A 177 -15.01 -12.47 -29.80
C GLY A 177 -15.59 -11.80 -28.57
N SER A 178 -16.85 -11.40 -28.64
CA SER A 178 -17.51 -10.71 -27.54
C SER A 178 -18.89 -11.30 -27.31
N ASP A 179 -19.37 -11.20 -26.07
CA ASP A 179 -20.64 -11.80 -25.69
C ASP A 179 -21.75 -10.75 -25.68
N PRO A 180 -22.60 -10.75 -26.73
CA PRO A 180 -23.66 -9.75 -26.85
C PRO A 180 -24.65 -9.77 -25.67
N GLN A 181 -24.57 -10.80 -24.84
CA GLN A 181 -25.42 -10.87 -23.66
C GLN A 181 -24.98 -9.87 -22.59
N HIS A 182 -23.78 -9.33 -22.73
CA HIS A 182 -23.28 -8.38 -21.76
C HIS A 182 -22.89 -7.04 -22.36
N TYR A 183 -23.40 -6.75 -23.55
CA TYR A 183 -23.36 -5.39 -24.07
C TYR A 183 -24.54 -5.12 -24.99
N GLU A 184 -25.06 -3.89 -24.94
CA GLU A 184 -26.16 -3.50 -25.81
C GLU A 184 -25.70 -2.53 -26.89
N GLY A 185 -26.36 -2.58 -28.04
CA GLY A 185 -26.01 -1.72 -29.15
C GLY A 185 -24.82 -2.24 -29.92
N ASN A 186 -24.07 -1.35 -30.55
CA ASN A 186 -22.90 -1.72 -31.34
C ASN A 186 -21.62 -1.18 -30.75
N PHE A 187 -20.51 -1.78 -31.13
CA PHE A 187 -19.20 -1.31 -30.71
C PHE A 187 -18.82 -0.03 -31.44
N HIS A 188 -18.40 0.97 -30.67
CA HIS A 188 -17.70 2.14 -31.20
C HIS A 188 -16.21 1.77 -31.18
N TYR A 189 -15.57 1.79 -32.35
CA TYR A 189 -14.17 1.38 -32.45
C TYR A 189 -13.23 2.57 -32.50
N ILE A 190 -12.09 2.43 -31.83
CA ILE A 190 -11.06 3.45 -31.83
C ILE A 190 -9.72 2.78 -32.16
N ASN A 191 -8.97 3.35 -33.09
CA ASN A 191 -7.68 2.79 -33.48
C ASN A 191 -6.65 3.01 -32.39
N LEU A 192 -5.74 2.05 -32.24
CA LEU A 192 -4.59 2.24 -31.35
C LEU A 192 -3.72 3.35 -31.92
N ILE A 193 -3.01 4.06 -31.06
CA ILE A 193 -2.00 5.00 -31.52
C ILE A 193 -0.96 4.22 -32.33
N LYS A 194 -0.49 3.13 -31.75
CA LYS A 194 0.42 2.23 -32.45
C LYS A 194 0.21 0.81 -31.95
N THR A 195 0.63 -0.16 -32.76
CA THR A 195 0.65 -1.53 -32.32
C THR A 195 1.68 -1.64 -31.17
N GLY A 196 1.44 -2.56 -30.24
CA GLY A 196 2.40 -2.75 -29.17
C GLY A 196 1.94 -2.33 -27.79
N VAL A 197 0.83 -1.60 -27.73
CA VAL A 197 0.25 -1.18 -26.44
C VAL A 197 -1.23 -0.84 -26.59
N TRP A 198 -2.06 -1.34 -25.68
CA TRP A 198 -3.49 -1.09 -25.76
C TRP A 198 -3.80 0.33 -25.31
N GLN A 199 -3.43 1.30 -26.14
CA GLN A 199 -3.48 2.70 -25.78
C GLN A 199 -4.05 3.52 -26.96
N ILE A 200 -4.93 4.46 -26.65
CA ILE A 200 -5.55 5.28 -27.67
C ILE A 200 -5.44 6.73 -27.28
N GLN A 201 -5.71 7.62 -28.22
CA GLN A 201 -5.73 9.05 -27.92
C GLN A 201 -7.01 9.46 -27.22
N MET A 202 -6.89 10.50 -26.40
CA MET A 202 -8.02 11.08 -25.68
C MET A 202 -8.03 12.59 -25.88
N LYS A 203 -9.18 13.13 -26.26
CA LYS A 203 -9.24 14.54 -26.65
C LYS A 203 -9.55 15.43 -25.47
N GLY A 204 -10.06 14.84 -24.40
CA GLY A 204 -10.27 15.61 -23.18
C GLY A 204 -11.00 14.85 -22.09
N VAL A 205 -10.98 15.41 -20.89
CA VAL A 205 -11.69 14.83 -19.74
C VAL A 205 -12.51 15.92 -19.07
N SER A 206 -13.82 15.71 -19.02
CA SER A 206 -14.73 16.74 -18.51
C SER A 206 -15.23 16.42 -17.11
N VAL A 207 -15.24 17.44 -16.24
CA VAL A 207 -15.89 17.36 -14.94
C VAL A 207 -17.10 18.29 -14.95
N GLY A 208 -18.29 17.73 -14.78
CA GLY A 208 -19.50 18.51 -14.96
C GLY A 208 -19.63 18.91 -16.42
N SER A 209 -19.71 20.21 -16.68
CA SER A 209 -19.81 20.69 -18.06
C SER A 209 -18.47 21.18 -18.58
N SER A 210 -17.69 21.81 -17.71
CA SER A 210 -16.39 22.37 -18.10
C SER A 210 -15.42 21.26 -18.50
N THR A 211 -15.06 21.23 -19.79
CA THR A 211 -13.97 20.37 -20.24
C THR A 211 -12.67 20.88 -19.63
N LEU A 212 -12.31 20.28 -18.51
CA LEU A 212 -11.38 20.90 -17.57
C LEU A 212 -9.95 20.38 -17.74
N LEU A 213 -9.83 19.11 -18.11
CA LEU A 213 -8.54 18.46 -18.12
C LEU A 213 -8.20 17.95 -19.51
N CYS A 214 -6.92 17.74 -19.77
CA CYS A 214 -6.51 17.08 -21.01
C CYS A 214 -7.02 17.92 -22.18
N GLU A 215 -7.22 19.20 -21.91
CA GLU A 215 -7.88 20.09 -22.83
C GLU A 215 -7.31 20.01 -24.24
N ASP A 216 -6.02 19.71 -24.35
CA ASP A 216 -5.38 19.65 -25.66
C ASP A 216 -4.83 18.27 -25.98
N GLY A 217 -5.52 17.24 -25.53
CA GLY A 217 -5.16 15.88 -25.89
C GLY A 217 -4.33 15.19 -24.81
N CYS A 218 -4.41 13.87 -24.77
CA CYS A 218 -3.55 13.06 -23.92
C CYS A 218 -3.78 11.60 -24.26
N LEU A 219 -3.11 10.70 -23.55
CA LEU A 219 -3.18 9.28 -23.85
C LEU A 219 -4.08 8.53 -22.87
N ALA A 220 -4.64 7.42 -23.31
CA ALA A 220 -5.46 6.59 -22.45
C ALA A 220 -5.09 5.12 -22.61
N LEU A 221 -4.55 4.52 -21.56
CA LEU A 221 -4.26 3.10 -21.59
C LEU A 221 -5.51 2.36 -21.12
N VAL A 222 -5.95 1.38 -21.89
CA VAL A 222 -7.16 0.65 -21.52
C VAL A 222 -6.73 -0.60 -20.78
N ASP A 223 -6.73 -0.52 -19.46
CA ASP A 223 -5.96 -1.44 -18.65
C ASP A 223 -6.81 -2.30 -17.75
N THR A 224 -6.93 -3.56 -18.11
CA THR A 224 -7.82 -4.46 -17.39
C THR A 224 -7.22 -4.88 -16.05
N GLY A 225 -5.91 -4.73 -15.90
CA GLY A 225 -5.29 -5.03 -14.62
C GLY A 225 -5.38 -3.89 -13.62
N ALA A 226 -5.83 -2.72 -14.08
CA ALA A 226 -6.02 -1.57 -13.20
C ALA A 226 -7.40 -1.63 -12.53
N SER A 227 -7.44 -1.33 -11.23
CA SER A 227 -8.69 -1.35 -10.49
C SER A 227 -9.46 -0.04 -10.59
N TYR A 228 -8.73 1.07 -10.46
CA TYR A 228 -9.30 2.40 -10.56
C TYR A 228 -8.91 3.04 -11.89
N ILE A 229 -9.56 4.16 -12.21
CA ILE A 229 -9.05 5.03 -13.25
C ILE A 229 -7.87 5.79 -12.68
N SER A 230 -6.79 5.88 -13.43
CA SER A 230 -5.68 6.71 -13.00
C SER A 230 -5.39 7.83 -13.98
N GLY A 231 -4.98 8.96 -13.43
CA GLY A 231 -4.40 10.01 -14.23
C GLY A 231 -3.10 10.47 -13.58
N SER A 232 -2.42 11.42 -14.21
CA SER A 232 -1.19 11.97 -13.65
C SER A 232 -1.54 12.73 -12.38
N THR A 233 -0.58 12.85 -11.46
CA THR A 233 -0.82 13.61 -10.25
C THR A 233 -1.43 14.97 -10.55
N SER A 234 -0.88 15.69 -11.52
CA SER A 234 -1.30 17.07 -11.76
C SER A 234 -2.73 17.11 -12.33
N SER A 235 -3.05 16.15 -13.19
CA SER A 235 -4.43 16.03 -13.67
C SER A 235 -5.35 15.69 -12.51
N ILE A 236 -4.95 14.69 -11.73
CA ILE A 236 -5.80 14.18 -10.66
C ILE A 236 -6.01 15.23 -9.59
N GLU A 237 -4.96 15.98 -9.27
CA GLU A 237 -5.07 17.05 -8.29
C GLU A 237 -6.19 17.99 -8.69
N LYS A 238 -6.21 18.39 -9.96
CA LYS A 238 -7.22 19.32 -10.45
C LYS A 238 -8.60 18.69 -10.36
N LEU A 239 -8.70 17.46 -10.87
CA LEU A 239 -9.95 16.73 -10.87
C LEU A 239 -10.51 16.65 -9.46
N MET A 240 -9.69 16.18 -8.53
CA MET A 240 -10.12 16.04 -7.15
C MET A 240 -10.49 17.39 -6.53
N GLU A 241 -9.77 18.44 -6.92
CA GLU A 241 -10.11 19.77 -6.45
C GLU A 241 -11.49 20.18 -6.96
N ALA A 242 -11.79 19.85 -8.20
CA ALA A 242 -13.08 20.18 -8.75
C ALA A 242 -14.19 19.52 -7.92
N LEU A 243 -13.94 18.28 -7.48
CA LEU A 243 -14.96 17.47 -6.80
C LEU A 243 -15.04 17.74 -5.29
N GLY A 244 -14.10 18.52 -4.77
CA GLY A 244 -14.03 18.76 -3.34
C GLY A 244 -13.47 17.58 -2.58
N ALA A 245 -12.81 16.68 -3.29
CA ALA A 245 -12.34 15.42 -2.70
C ALA A 245 -11.08 15.66 -1.88
N LYS A 246 -10.89 14.82 -0.86
CA LYS A 246 -9.76 14.98 0.03
C LYS A 246 -8.76 13.85 -0.12
N LYS A 247 -7.49 14.19 -0.07
CA LYS A 247 -6.43 13.21 -0.26
C LYS A 247 -6.08 12.53 1.06
N ARG A 248 -6.33 11.23 1.13
CA ARG A 248 -5.90 10.40 2.24
C ARG A 248 -4.59 9.69 1.85
N LEU A 249 -4.12 8.79 2.71
CA LEU A 249 -2.87 8.08 2.45
C LEU A 249 -2.93 7.12 1.25
N PHE A 250 -4.00 6.35 1.12
CA PHE A 250 -4.11 5.37 0.04
C PHE A 250 -5.16 5.69 -1.02
N ASP A 251 -6.03 6.66 -0.74
CA ASP A 251 -7.13 6.96 -1.67
C ASP A 251 -7.58 8.42 -1.62
N TYR A 252 -8.59 8.74 -2.41
CA TYR A 252 -9.31 10.00 -2.31
C TYR A 252 -10.73 9.74 -1.81
N VAL A 253 -11.20 10.61 -0.91
CA VAL A 253 -12.54 10.47 -0.34
C VAL A 253 -13.39 11.73 -0.47
N VAL A 254 -14.70 11.53 -0.39
CA VAL A 254 -15.64 12.63 -0.18
C VAL A 254 -16.53 12.22 0.98
N LYS A 255 -17.20 13.19 1.58
CA LYS A 255 -18.28 12.89 2.51
C LYS A 255 -19.31 12.05 1.76
N CYS A 256 -19.67 10.91 2.32
CA CYS A 256 -20.59 9.97 1.68
C CYS A 256 -21.89 10.65 1.28
N ASN A 257 -22.37 11.56 2.12
CA ASN A 257 -23.68 12.15 1.91
C ASN A 257 -23.72 13.04 0.67
N GLU A 258 -22.55 13.53 0.23
CA GLU A 258 -22.53 14.35 -0.97
C GLU A 258 -22.06 13.64 -2.24
N GLY A 259 -21.55 12.42 -2.10
CA GLY A 259 -21.13 11.67 -3.27
C GLY A 259 -22.14 11.68 -4.41
N PRO A 260 -23.41 11.37 -4.13
CA PRO A 260 -24.46 11.30 -5.16
C PRO A 260 -24.63 12.57 -6.01
N THR A 261 -24.44 13.74 -5.40
CA THR A 261 -24.61 14.98 -6.16
C THR A 261 -23.31 15.53 -6.74
N LEU A 262 -22.23 14.76 -6.67
CA LEU A 262 -20.99 15.12 -7.38
C LEU A 262 -21.23 15.04 -8.88
N PRO A 263 -20.47 15.83 -9.66
CA PRO A 263 -20.62 15.95 -11.11
C PRO A 263 -20.23 14.70 -11.88
N ASP A 264 -20.76 14.59 -13.10
CA ASP A 264 -20.34 13.56 -14.04
C ASP A 264 -18.91 13.82 -14.46
N ILE A 265 -18.24 12.76 -14.89
CA ILE A 265 -16.90 12.86 -15.44
C ILE A 265 -16.91 12.15 -16.79
N SER A 266 -16.59 12.89 -17.85
CA SER A 266 -16.65 12.30 -19.18
C SER A 266 -15.28 12.21 -19.82
N PHE A 267 -15.01 11.08 -20.46
CA PHE A 267 -13.76 10.88 -21.16
C PHE A 267 -14.05 10.92 -22.66
N HIS A 268 -13.37 11.81 -23.37
CA HIS A 268 -13.70 12.04 -24.77
C HIS A 268 -12.84 11.16 -25.67
N LEU A 269 -13.44 10.09 -26.15
CA LEU A 269 -12.70 9.04 -26.85
C LEU A 269 -13.30 8.79 -28.23
N GLY A 270 -12.47 8.89 -29.27
CA GLY A 270 -12.92 8.54 -30.60
C GLY A 270 -14.11 9.35 -31.05
N GLY A 271 -14.16 10.62 -30.63
CA GLY A 271 -15.22 11.52 -31.06
C GLY A 271 -16.48 11.44 -30.23
N LYS A 272 -16.47 10.60 -29.20
CA LYS A 272 -17.66 10.37 -28.39
C LYS A 272 -17.36 10.61 -26.91
N GLU A 273 -18.40 10.90 -26.15
CA GLU A 273 -18.27 11.25 -24.74
C GLU A 273 -18.62 10.04 -23.90
N TYR A 274 -17.65 9.50 -23.19
CA TYR A 274 -17.90 8.37 -22.30
C TYR A 274 -18.03 8.85 -20.87
N THR A 275 -19.23 8.72 -20.34
CA THR A 275 -19.54 9.38 -19.09
C THR A 275 -19.70 8.39 -17.96
N LEU A 276 -19.15 8.76 -16.81
CA LEU A 276 -19.37 8.02 -15.58
C LEU A 276 -20.02 9.00 -14.61
N THR A 277 -21.10 8.58 -13.97
CA THR A 277 -21.72 9.38 -12.93
C THR A 277 -21.06 9.06 -11.59
N SER A 278 -21.34 9.90 -10.59
CA SER A 278 -20.79 9.69 -9.27
C SER A 278 -21.23 8.34 -8.70
N ALA A 279 -22.35 7.82 -9.19
CA ALA A 279 -22.76 6.47 -8.81
C ALA A 279 -21.80 5.45 -9.41
N ASP A 280 -21.18 5.82 -10.53
CA ASP A 280 -20.18 4.96 -11.17
C ASP A 280 -18.83 4.97 -10.46
N TYR A 281 -18.48 6.08 -9.82
CA TYR A 281 -17.11 6.22 -9.32
C TYR A 281 -16.97 6.48 -7.81
N VAL A 282 -18.07 6.58 -7.08
CA VAL A 282 -17.99 6.64 -5.63
C VAL A 282 -18.38 5.30 -4.99
N PHE A 283 -17.56 4.81 -4.06
CA PHE A 283 -17.93 3.60 -3.33
C PHE A 283 -18.82 4.03 -2.17
N GLN A 284 -20.12 3.88 -2.34
CA GLN A 284 -21.03 4.45 -1.37
C GLN A 284 -21.36 3.44 -0.26
N GLU A 285 -20.45 3.32 0.71
CA GLU A 285 -20.65 2.42 1.85
C GLU A 285 -21.85 2.85 2.68
N SER A 286 -22.04 4.16 2.79
CA SER A 286 -23.24 4.72 3.40
C SER A 286 -23.47 6.08 2.76
N TYR A 287 -24.47 6.80 3.27
CA TYR A 287 -24.73 8.16 2.83
C TYR A 287 -24.68 9.12 4.00
N SER A 288 -23.97 8.73 5.06
CA SER A 288 -23.82 9.59 6.22
C SER A 288 -22.85 10.74 5.97
N SER A 289 -23.18 11.91 6.51
CA SER A 289 -22.30 13.07 6.38
C SER A 289 -21.12 12.96 7.33
N LYS A 290 -21.14 11.94 8.19
CA LYS A 290 -20.09 11.75 9.18
C LYS A 290 -19.07 10.68 8.78
N LYS A 291 -19.27 10.08 7.61
CA LYS A 291 -18.35 9.08 7.10
C LYS A 291 -17.74 9.55 5.78
N LEU A 292 -16.59 8.99 5.45
CA LEU A 292 -15.91 9.34 4.20
C LEU A 292 -15.94 8.17 3.21
N CYS A 293 -16.29 8.47 1.97
CA CYS A 293 -16.39 7.44 0.94
C CYS A 293 -15.30 7.58 -0.14
N THR A 294 -14.75 6.43 -0.53
CA THR A 294 -13.63 6.34 -1.49
C THR A 294 -14.07 6.48 -2.94
N LEU A 295 -13.31 7.24 -3.72
CA LEU A 295 -13.49 7.31 -5.17
C LEU A 295 -12.64 6.26 -5.88
N ALA A 296 -13.20 5.64 -6.92
CA ALA A 296 -12.47 4.64 -7.68
C ALA A 296 -11.60 5.33 -8.73
N ILE A 297 -10.90 6.37 -8.30
CA ILE A 297 -10.03 7.14 -9.19
C ILE A 297 -8.83 7.55 -8.36
N HIS A 298 -7.64 7.51 -8.94
CA HIS A 298 -6.44 7.94 -8.22
C HIS A 298 -5.34 8.41 -9.16
N ALA A 299 -4.21 8.81 -8.59
CA ALA A 299 -3.11 9.29 -9.38
C ALA A 299 -2.09 8.18 -9.59
N MET A 300 -1.57 8.07 -10.80
CA MET A 300 -0.48 7.15 -11.11
C MET A 300 0.38 7.76 -12.21
N ASP A 301 1.62 8.11 -11.87
CA ASP A 301 2.52 8.68 -12.86
C ASP A 301 3.29 7.57 -13.57
N ILE A 302 2.86 7.27 -14.78
CA ILE A 302 3.43 6.20 -15.56
C ILE A 302 4.54 6.79 -16.43
N PRO A 303 5.76 6.26 -16.30
CA PRO A 303 6.94 6.82 -16.96
C PRO A 303 6.90 6.56 -18.46
N PRO A 304 7.61 7.40 -19.23
CA PRO A 304 7.83 7.07 -20.65
C PRO A 304 8.56 5.74 -20.74
N PRO A 305 8.45 5.05 -21.88
CA PRO A 305 7.73 5.49 -23.09
C PRO A 305 6.21 5.50 -22.97
N THR A 306 5.65 4.60 -22.16
CA THR A 306 4.21 4.41 -22.07
C THR A 306 3.46 5.64 -21.56
N GLY A 307 3.94 6.20 -20.47
CA GLY A 307 3.33 7.41 -19.93
C GLY A 307 4.06 8.65 -20.42
N PRO A 308 3.62 9.85 -20.02
CA PRO A 308 2.46 10.09 -19.16
C PRO A 308 1.18 9.63 -19.82
N THR A 309 0.29 9.02 -19.05
CA THR A 309 -0.96 8.51 -19.60
C THR A 309 -1.99 8.31 -18.51
N TRP A 310 -3.27 8.46 -18.87
CA TRP A 310 -4.35 7.98 -18.03
C TRP A 310 -4.40 6.48 -18.19
N ALA A 311 -5.01 5.79 -17.23
CA ALA A 311 -5.31 4.38 -17.42
C ALA A 311 -6.80 4.18 -17.16
N LEU A 312 -7.48 3.57 -18.10
CA LEU A 312 -8.89 3.26 -17.93
C LEU A 312 -9.03 1.84 -17.35
N GLY A 313 -9.23 1.76 -16.04
CA GLY A 313 -9.31 0.47 -15.37
C GLY A 313 -10.73 -0.03 -15.17
N ALA A 314 -10.94 -0.80 -14.11
CA ALA A 314 -12.21 -1.50 -13.93
C ALA A 314 -13.37 -0.53 -13.69
N THR A 315 -13.07 0.61 -13.08
CA THR A 315 -14.07 1.64 -12.88
C THR A 315 -14.73 1.98 -14.22
N PHE A 316 -13.95 1.92 -15.30
CA PHE A 316 -14.43 2.32 -16.62
C PHE A 316 -15.00 1.12 -17.38
N ILE A 317 -14.32 -0.01 -17.26
CA ILE A 317 -14.69 -1.20 -18.01
C ILE A 317 -16.01 -1.80 -17.51
N ARG A 318 -16.33 -1.54 -16.24
CA ARG A 318 -17.61 -1.98 -15.68
C ARG A 318 -18.77 -1.39 -16.47
N LYS A 319 -18.68 -0.11 -16.81
CA LYS A 319 -19.72 0.53 -17.59
C LYS A 319 -19.64 0.19 -19.07
N PHE A 320 -18.43 0.06 -19.60
CA PHE A 320 -18.25 -0.16 -21.03
C PHE A 320 -17.54 -1.48 -21.34
N TYR A 321 -18.31 -2.48 -21.76
CA TYR A 321 -17.76 -3.74 -22.25
C TYR A 321 -16.67 -3.44 -23.27
N THR A 322 -15.53 -4.10 -23.14
CA THR A 322 -14.38 -3.70 -23.94
C THR A 322 -13.84 -4.84 -24.81
N GLU A 323 -13.73 -4.57 -26.12
CA GLU A 323 -13.18 -5.54 -27.05
C GLU A 323 -11.79 -5.13 -27.55
N PHE A 324 -10.79 -5.96 -27.31
CA PHE A 324 -9.44 -5.68 -27.78
C PHE A 324 -9.16 -6.43 -29.08
N ASP A 325 -8.99 -5.68 -30.17
CA ASP A 325 -8.93 -6.28 -31.50
C ASP A 325 -7.51 -6.26 -32.05
N ARG A 326 -6.89 -7.44 -32.09
CA ARG A 326 -5.49 -7.53 -32.49
C ARG A 326 -5.34 -7.51 -34.01
N ARG A 327 -6.36 -7.96 -34.72
CA ARG A 327 -6.29 -7.99 -36.18
C ARG A 327 -6.27 -6.57 -36.73
N ASN A 328 -7.09 -5.69 -36.16
CA ASN A 328 -7.26 -4.36 -36.71
C ASN A 328 -6.58 -3.28 -35.86
N ASN A 329 -5.89 -3.70 -34.80
CA ASN A 329 -5.24 -2.75 -33.90
C ASN A 329 -6.19 -1.66 -33.46
N ARG A 330 -7.30 -2.08 -32.86
CA ARG A 330 -8.30 -1.15 -32.36
C ARG A 330 -8.97 -1.70 -31.11
N ILE A 331 -9.65 -0.81 -30.40
CA ILE A 331 -10.39 -1.18 -29.22
C ILE A 331 -11.84 -0.75 -29.44
N GLY A 332 -12.76 -1.62 -29.07
CA GLY A 332 -14.17 -1.30 -29.18
C GLY A 332 -14.84 -1.17 -27.83
N PHE A 333 -15.70 -0.16 -27.70
CA PHE A 333 -16.50 0.00 -26.49
C PHE A 333 -17.97 -0.14 -26.82
N ALA A 334 -18.68 -0.89 -25.97
CA ALA A 334 -20.13 -0.95 -26.02
C ALA A 334 -20.67 -0.93 -24.60
N LEU A 335 -21.83 -0.33 -24.39
CA LEU A 335 -22.44 -0.27 -23.06
C LEU A 335 -22.55 -1.66 -22.45
N ALA A 336 -22.12 -1.80 -21.21
CA ALA A 336 -22.16 -3.10 -20.55
C ALA A 336 -23.54 -3.37 -19.95
N ARG A 337 -23.83 -4.66 -19.75
CA ARG A 337 -25.05 -5.07 -19.07
C ARG A 337 -24.95 -6.54 -18.66
N GLY B 1 11.86 4.02 43.12
CA GLY B 1 12.60 4.28 41.86
C GLY B 1 13.71 3.29 41.63
N ASN B 2 14.83 3.78 41.09
CA ASN B 2 16.03 2.98 40.91
C ASN B 2 15.98 2.06 39.69
N THR B 3 14.79 1.62 39.30
CA THR B 3 14.66 0.59 38.27
C THR B 3 14.57 1.13 36.83
N THR B 4 15.13 0.35 35.92
CA THR B 4 15.09 0.63 34.49
C THR B 4 14.77 -0.66 33.75
N SER B 5 13.85 -0.59 32.81
CA SER B 5 13.47 -1.78 32.05
C SER B 5 13.86 -1.62 30.58
N SER B 6 14.22 -2.73 29.96
CA SER B 6 14.67 -2.73 28.57
C SER B 6 13.81 -3.63 27.68
N VAL B 7 13.54 -3.18 26.46
CA VAL B 7 12.82 -4.00 25.49
C VAL B 7 13.56 -4.06 24.16
N ILE B 8 14.13 -5.22 23.86
CA ILE B 8 14.81 -5.42 22.59
C ILE B 8 13.81 -5.32 21.45
N LEU B 9 14.19 -4.64 20.37
CA LEU B 9 13.30 -4.48 19.22
C LEU B 9 13.78 -5.23 17.97
N THR B 10 12.83 -5.66 17.14
CA THR B 10 13.15 -6.24 15.84
C THR B 10 13.05 -5.21 14.73
N ASN B 11 14.03 -5.20 13.82
CA ASN B 11 13.99 -4.31 12.67
C ASN B 11 13.64 -5.07 11.40
N TYR B 12 12.45 -4.82 10.88
CA TYR B 12 12.05 -5.41 9.61
C TYR B 12 12.28 -4.40 8.47
N MET B 13 13.24 -4.74 7.61
CA MET B 13 13.47 -4.00 6.36
C MET B 13 13.72 -2.51 6.56
N ASP B 14 14.08 -2.14 7.78
CA ASP B 14 14.31 -0.74 8.15
C ASP B 14 13.04 0.11 8.05
N THR B 15 11.89 -0.57 8.01
CA THR B 15 10.63 0.14 7.97
C THR B 15 9.74 -0.21 9.17
N GLN B 16 9.81 -1.47 9.62
CA GLN B 16 8.99 -1.89 10.74
C GLN B 16 9.82 -2.25 11.96
N TYR B 17 9.63 -1.50 13.04
CA TYR B 17 10.34 -1.73 14.30
C TYR B 17 9.31 -2.05 15.37
N TYR B 18 9.47 -3.19 16.03
CA TYR B 18 8.51 -3.63 17.04
C TYR B 18 9.15 -4.53 18.09
N GLY B 19 8.49 -4.65 19.24
CA GLY B 19 9.00 -5.45 20.33
C GLY B 19 7.90 -6.27 20.98
N GLU B 20 8.26 -7.03 22.02
CA GLU B 20 7.35 -7.99 22.59
C GLU B 20 6.83 -7.56 23.95
N ILE B 21 5.52 -7.66 24.14
CA ILE B 21 4.92 -7.54 25.47
C ILE B 21 4.25 -8.87 25.86
N GLY B 22 3.97 -9.02 27.14
CA GLY B 22 3.28 -10.22 27.61
C GLY B 22 1.96 -9.87 28.26
N ILE B 23 0.88 -10.47 27.78
CA ILE B 23 -0.43 -10.20 28.35
C ILE B 23 -1.04 -11.43 29.02
N GLY B 24 -1.45 -11.28 30.28
CA GLY B 24 -2.25 -12.30 30.92
C GLY B 24 -1.45 -13.30 31.73
N THR B 25 -2.17 -14.23 32.38
CA THR B 25 -1.55 -15.30 33.14
C THR B 25 -2.15 -16.63 32.69
N PRO B 26 -1.32 -17.52 32.13
CA PRO B 26 0.09 -17.21 31.83
C PRO B 26 0.19 -16.18 30.70
N PRO B 27 1.30 -15.44 30.64
CA PRO B 27 1.45 -14.34 29.67
C PRO B 27 1.49 -14.80 28.22
N GLN B 28 0.59 -14.26 27.40
CA GLN B 28 0.60 -14.50 25.96
C GLN B 28 1.39 -13.40 25.25
N THR B 29 2.42 -13.79 24.50
CA THR B 29 3.35 -12.82 23.94
C THR B 29 2.86 -12.22 22.62
N PHE B 30 3.00 -10.90 22.49
CA PHE B 30 2.62 -10.22 21.26
C PHE B 30 3.74 -9.35 20.69
N LYS B 31 3.76 -9.24 19.36
CA LYS B 31 4.62 -8.27 18.71
C LYS B 31 3.85 -6.95 18.62
N VAL B 32 4.41 -5.89 19.16
CA VAL B 32 3.70 -4.61 19.19
C VAL B 32 4.58 -3.45 18.77
N VAL B 33 3.95 -2.42 18.21
CA VAL B 33 4.62 -1.16 17.88
C VAL B 33 4.52 -0.22 19.07
N PHE B 34 5.68 0.25 19.52
CA PHE B 34 5.70 1.26 20.58
C PHE B 34 5.67 2.62 19.90
N ASP B 35 4.51 3.26 19.95
CA ASP B 35 4.19 4.40 19.09
C ASP B 35 3.96 5.68 19.90
N THR B 36 4.95 6.59 19.90
CA THR B 36 4.80 7.88 20.57
C THR B 36 3.78 8.78 19.87
N GLY B 37 3.35 8.39 18.67
CA GLY B 37 2.33 9.15 17.99
C GLY B 37 0.88 8.85 18.39
N SER B 38 0.66 7.82 19.20
CA SER B 38 -0.67 7.56 19.74
C SER B 38 -0.59 7.05 21.18
N SER B 39 -1.75 6.78 21.79
CA SER B 39 -1.82 6.62 23.23
C SER B 39 -2.60 5.40 23.75
N ASN B 40 -3.04 4.53 22.84
CA ASN B 40 -3.82 3.36 23.24
C ASN B 40 -3.06 2.05 23.06
N VAL B 41 -3.40 1.06 23.88
CA VAL B 41 -2.86 -0.29 23.71
C VAL B 41 -3.92 -1.20 23.10
N TRP B 42 -3.51 -2.02 22.14
CA TRP B 42 -4.40 -3.02 21.57
C TRP B 42 -3.66 -4.19 20.93
N VAL B 43 -4.28 -5.36 21.02
CA VAL B 43 -3.82 -6.54 20.29
C VAL B 43 -5.02 -7.20 19.63
N PRO B 44 -4.77 -8.05 18.63
CA PRO B 44 -5.87 -8.80 18.01
C PRO B 44 -6.60 -9.67 19.04
N SER B 45 -7.91 -9.81 18.88
CA SER B 45 -8.70 -10.61 19.82
C SER B 45 -8.95 -12.02 19.29
N SER B 46 -9.08 -12.96 20.21
CA SER B 46 -9.52 -14.31 19.85
C SER B 46 -10.96 -14.24 19.32
N LYS B 47 -11.66 -13.19 19.71
CA LYS B 47 -13.05 -13.01 19.32
C LYS B 47 -13.19 -12.29 17.98
N CYS B 48 -12.09 -12.23 17.23
CA CYS B 48 -12.08 -11.56 15.94
C CYS B 48 -12.30 -12.54 14.79
N SER B 49 -13.29 -12.26 13.94
CA SER B 49 -13.72 -13.22 12.93
C SER B 49 -12.61 -13.68 11.99
N ARG B 50 -12.72 -14.92 11.53
CA ARG B 50 -11.82 -15.43 10.49
C ARG B 50 -12.10 -14.71 9.18
N LEU B 51 -13.15 -13.89 9.19
CA LEU B 51 -13.51 -13.08 8.04
C LEU B 51 -12.37 -12.09 7.73
N TYR B 52 -11.61 -11.74 8.76
CA TYR B 52 -10.46 -10.86 8.60
C TYR B 52 -9.19 -11.70 8.61
N THR B 53 -8.62 -11.91 7.42
CA THR B 53 -7.46 -12.77 7.29
C THR B 53 -6.29 -12.23 8.12
N ALA B 54 -6.37 -10.95 8.48
CA ALA B 54 -5.37 -10.34 9.36
C ALA B 54 -5.25 -11.12 10.66
N CYS B 55 -6.31 -11.84 11.02
CA CYS B 55 -6.34 -12.57 12.28
C CYS B 55 -5.85 -14.00 12.15
N VAL B 56 -5.86 -14.53 10.92
CA VAL B 56 -5.24 -15.82 10.65
C VAL B 56 -3.73 -15.60 10.47
N TYR B 57 -3.34 -14.34 10.38
CA TYR B 57 -1.95 -14.00 10.12
C TYR B 57 -1.21 -13.63 11.41
N HIS B 58 -1.95 -13.23 12.43
CA HIS B 58 -1.35 -12.74 13.67
C HIS B 58 -1.78 -13.50 14.92
N LYS B 59 -1.04 -13.32 16.01
CA LYS B 59 -1.42 -13.90 17.30
C LYS B 59 -2.69 -13.23 17.81
N LEU B 60 -3.56 -14.02 18.42
CA LEU B 60 -4.80 -13.49 19.00
C LEU B 60 -4.78 -13.64 20.51
N PHE B 61 -5.41 -12.70 21.21
CA PHE B 61 -5.47 -12.77 22.68
C PHE B 61 -6.74 -13.45 23.14
N ASP B 62 -6.57 -14.54 23.88
CA ASP B 62 -7.70 -15.31 24.39
C ASP B 62 -7.99 -14.92 25.84
N ALA B 63 -9.15 -14.31 26.06
CA ALA B 63 -9.54 -13.86 27.39
C ALA B 63 -9.57 -15.01 28.40
N SER B 64 -10.02 -16.17 27.96
CA SER B 64 -10.26 -17.28 28.87
C SER B 64 -9.07 -18.23 28.99
N ASP B 65 -7.89 -17.74 28.66
CA ASP B 65 -6.66 -18.46 28.95
C ASP B 65 -5.85 -17.70 29.98
N SER B 66 -6.31 -16.51 30.33
CA SER B 66 -5.69 -15.72 31.39
C SER B 66 -6.52 -15.75 32.66
N SER B 67 -5.87 -16.05 33.78
CA SER B 67 -6.55 -16.09 35.07
C SER B 67 -6.73 -14.67 35.61
N SER B 68 -5.89 -13.76 35.13
CA SER B 68 -5.91 -12.37 35.61
C SER B 68 -6.81 -11.48 34.75
N TYR B 69 -7.31 -12.03 33.65
CA TYR B 69 -8.24 -11.31 32.78
C TYR B 69 -9.42 -10.74 33.55
N LYS B 70 -9.82 -9.52 33.21
CA LYS B 70 -11.01 -8.91 33.79
C LYS B 70 -11.82 -8.16 32.73
N HIS B 71 -12.80 -8.85 32.16
CA HIS B 71 -13.70 -8.27 31.16
C HIS B 71 -14.11 -6.83 31.49
N ASN B 72 -14.29 -6.01 30.47
CA ASN B 72 -14.96 -4.71 30.59
C ASN B 72 -15.95 -4.49 29.47
N GLY B 73 -15.56 -4.84 28.25
CA GLY B 73 -16.51 -4.92 27.16
C GLY B 73 -16.87 -3.62 26.46
N THR B 74 -16.37 -2.50 26.97
CA THR B 74 -16.65 -1.20 26.35
C THR B 74 -16.08 -1.15 24.94
N GLU B 75 -16.85 -0.59 24.01
CA GLU B 75 -16.52 -0.68 22.59
C GLU B 75 -15.68 0.51 22.12
N LEU B 76 -14.72 0.22 21.24
CA LEU B 76 -13.65 1.17 20.94
C LEU B 76 -13.35 1.29 19.44
N THR B 77 -13.16 2.53 18.96
CA THR B 77 -12.70 2.77 17.60
C THR B 77 -11.43 3.62 17.52
N LEU B 78 -10.36 3.05 17.00
CA LEU B 78 -9.11 3.77 16.78
C LEU B 78 -8.91 4.03 15.29
N ARG B 79 -8.80 5.30 14.90
CA ARG B 79 -8.48 5.63 13.52
C ARG B 79 -7.04 6.14 13.39
N TYR B 80 -6.23 5.41 12.63
CA TYR B 80 -4.91 5.89 12.26
C TYR B 80 -4.92 6.35 10.80
N SER B 81 -3.80 6.96 10.38
CA SER B 81 -3.65 7.41 9.01
C SER B 81 -3.92 6.28 8.02
N THR B 82 -3.53 5.06 8.37
CA THR B 82 -3.79 3.90 7.51
C THR B 82 -5.21 3.38 7.67
N GLY B 83 -5.99 4.03 8.52
CA GLY B 83 -7.37 3.59 8.69
C GLY B 83 -7.62 2.99 10.06
N THR B 84 -8.70 2.22 10.16
CA THR B 84 -9.37 1.96 11.43
C THR B 84 -9.34 0.51 11.87
N VAL B 85 -9.14 0.31 13.17
CA VAL B 85 -9.49 -0.95 13.82
C VAL B 85 -10.54 -0.71 14.91
N SER B 86 -11.23 -1.75 15.31
CA SER B 86 -12.21 -1.62 16.38
C SER B 86 -12.40 -2.92 17.17
N GLY B 87 -13.09 -2.82 18.29
CA GLY B 87 -13.32 -3.97 19.14
C GLY B 87 -13.80 -3.52 20.50
N PHE B 88 -13.43 -4.27 21.53
CA PHE B 88 -13.88 -3.98 22.89
C PHE B 88 -12.70 -3.91 23.85
N LEU B 89 -12.90 -3.26 24.98
CA LEU B 89 -11.85 -3.11 25.99
C LEU B 89 -11.79 -4.29 26.95
N SER B 90 -10.58 -4.58 27.43
CA SER B 90 -10.37 -5.61 28.45
C SER B 90 -9.36 -5.12 29.46
N GLN B 91 -9.06 -5.95 30.45
CA GLN B 91 -8.03 -5.65 31.44
C GLN B 91 -7.23 -6.89 31.81
N ASP B 92 -5.91 -6.75 31.82
CA ASP B 92 -5.03 -7.86 32.15
C ASP B 92 -3.61 -7.39 32.44
N ILE B 93 -2.85 -8.24 33.12
CA ILE B 93 -1.45 -7.94 33.42
C ILE B 93 -0.63 -7.89 32.13
N ILE B 94 0.13 -6.80 31.97
CA ILE B 94 0.99 -6.65 30.81
C ILE B 94 2.43 -6.42 31.25
N THR B 95 3.33 -7.25 30.74
CA THR B 95 4.74 -7.13 31.09
C THR B 95 5.52 -6.52 29.93
N VAL B 96 6.24 -5.45 30.20
CA VAL B 96 7.12 -4.82 29.22
C VAL B 96 8.53 -4.81 29.79
N GLY B 97 9.39 -5.65 29.24
CA GLY B 97 10.71 -5.84 29.82
C GLY B 97 10.58 -6.44 31.21
N GLY B 98 11.29 -5.87 32.17
CA GLY B 98 11.17 -6.33 33.55
C GLY B 98 9.91 -5.81 34.24
N ILE B 99 9.21 -4.88 33.61
CA ILE B 99 8.07 -4.24 34.26
C ILE B 99 6.75 -4.97 34.00
N THR B 100 5.95 -5.09 35.05
CA THR B 100 4.59 -5.62 34.95
C THR B 100 3.57 -4.59 35.41
N VAL B 101 2.60 -4.28 34.56
CA VAL B 101 1.59 -3.30 34.92
C VAL B 101 0.19 -3.81 34.60
N THR B 102 -0.80 -3.31 35.34
CA THR B 102 -2.20 -3.63 35.08
C THR B 102 -2.82 -2.61 34.14
N GLN B 103 -3.25 -3.07 32.97
CA GLN B 103 -3.59 -2.17 31.88
C GLN B 103 -4.94 -2.47 31.25
N MET B 104 -5.70 -1.42 30.93
CA MET B 104 -6.90 -1.57 30.11
C MET B 104 -6.53 -1.42 28.64
N PHE B 105 -6.51 -2.52 27.92
CA PHE B 105 -6.16 -2.51 26.50
C PHE B 105 -7.35 -2.91 25.65
N GLY B 106 -7.26 -2.64 24.35
CA GLY B 106 -8.32 -3.02 23.45
C GLY B 106 -8.07 -4.35 22.77
N GLU B 107 -9.09 -5.22 22.79
CA GLU B 107 -9.07 -6.43 21.97
C GLU B 107 -9.74 -6.11 20.66
N VAL B 108 -8.93 -6.01 19.61
CA VAL B 108 -9.46 -5.65 18.28
C VAL B 108 -10.12 -6.84 17.63
N THR B 109 -11.33 -6.61 17.11
CA THR B 109 -12.11 -7.66 16.47
C THR B 109 -12.33 -7.38 14.99
N GLU B 110 -11.76 -6.28 14.49
CA GLU B 110 -11.83 -5.97 13.08
C GLU B 110 -10.52 -5.33 12.59
N MET B 111 -9.82 -6.06 11.73
CA MET B 111 -8.52 -5.63 11.20
C MET B 111 -8.53 -5.70 9.67
N PRO B 112 -8.72 -4.55 9.00
CA PRO B 112 -8.69 -4.50 7.53
C PRO B 112 -7.38 -5.07 6.96
N ALA B 113 -7.50 -5.86 5.90
CA ALA B 113 -6.35 -6.48 5.27
C ALA B 113 -5.31 -5.43 4.88
N LEU B 114 -5.80 -4.32 4.30
CA LEU B 114 -4.97 -3.13 4.13
C LEU B 114 -5.24 -2.28 5.37
N PRO B 115 -4.23 -2.10 6.24
CA PRO B 115 -2.80 -2.38 6.13
C PRO B 115 -2.28 -3.65 6.79
N PHE B 116 -3.12 -4.35 7.54
CA PHE B 116 -2.58 -5.26 8.54
C PHE B 116 -2.07 -6.59 8.00
N MET B 117 -2.40 -6.92 6.76
CA MET B 117 -1.78 -8.08 6.13
C MET B 117 -0.35 -7.76 5.75
N LEU B 118 0.01 -6.48 5.87
CA LEU B 118 1.37 -6.04 5.59
C LEU B 118 2.25 -5.98 6.84
N ALA B 119 1.62 -6.11 8.01
CA ALA B 119 2.33 -5.91 9.28
C ALA B 119 3.06 -7.15 9.79
N GLU B 120 4.32 -6.96 10.20
CA GLU B 120 5.09 -8.03 10.82
C GLU B 120 4.74 -8.16 12.29
N PHE B 121 4.03 -7.16 12.80
CA PHE B 121 3.68 -7.11 14.22
C PHE B 121 2.21 -7.44 14.40
N ASP B 122 1.80 -7.63 15.66
CA ASP B 122 0.41 -7.98 15.96
C ASP B 122 -0.41 -6.75 16.35
N GLY B 123 0.11 -5.95 17.28
CA GLY B 123 -0.62 -4.81 17.78
C GLY B 123 0.19 -3.57 18.13
N VAL B 124 -0.40 -2.68 18.90
CA VAL B 124 0.15 -1.36 19.18
C VAL B 124 0.18 -1.02 20.67
N VAL B 125 1.33 -0.56 21.16
CA VAL B 125 1.40 0.04 22.48
C VAL B 125 1.68 1.54 22.36
N GLY B 126 0.67 2.35 22.64
CA GLY B 126 0.82 3.78 22.51
C GLY B 126 1.59 4.40 23.66
N MET B 127 2.53 5.29 23.35
CA MET B 127 3.36 5.91 24.38
C MET B 127 3.08 7.41 24.52
N GLY B 128 1.96 7.86 23.97
CA GLY B 128 1.61 9.27 24.05
C GLY B 128 0.85 9.63 25.32
N PHE B 129 0.30 10.83 25.38
CA PHE B 129 -0.34 11.33 26.60
C PHE B 129 -1.82 10.94 26.64
N ILE B 130 -2.40 10.97 27.83
CA ILE B 130 -3.81 10.65 28.00
C ILE B 130 -4.67 11.60 27.18
N GLU B 131 -4.13 12.78 26.88
CA GLU B 131 -4.83 13.74 26.04
C GLU B 131 -5.12 13.20 24.65
N GLN B 132 -4.40 12.14 24.25
CA GLN B 132 -4.55 11.58 22.92
C GLN B 132 -5.23 10.22 22.97
N ALA B 133 -5.40 9.70 24.19
CA ALA B 133 -6.01 8.40 24.35
C ALA B 133 -7.46 8.45 23.87
N ILE B 134 -7.88 7.39 23.17
CA ILE B 134 -9.27 7.25 22.77
C ILE B 134 -10.06 6.58 23.89
N GLY B 135 -11.26 7.07 24.14
CA GLY B 135 -12.04 6.55 25.25
C GLY B 135 -11.43 6.95 26.58
N ARG B 136 -10.40 7.79 26.52
CA ARG B 136 -9.75 8.32 27.71
C ARG B 136 -9.13 7.23 28.59
N VAL B 137 -8.82 6.09 27.99
CA VAL B 137 -8.07 5.05 28.69
C VAL B 137 -6.71 5.59 29.15
N THR B 138 -6.33 5.26 30.37
CA THR B 138 -5.03 5.67 30.88
C THR B 138 -3.93 4.96 30.09
N PRO B 139 -3.00 5.74 29.51
CA PRO B 139 -1.90 5.18 28.72
C PRO B 139 -0.99 4.34 29.61
N ILE B 140 -0.36 3.34 29.01
CA ILE B 140 0.41 2.37 29.79
C ILE B 140 1.53 3.06 30.56
N PHE B 141 2.09 4.15 30.03
CA PHE B 141 3.23 4.78 30.68
C PHE B 141 2.82 5.64 31.86
N ASP B 142 1.62 6.22 31.79
CA ASP B 142 1.06 6.93 32.94
C ASP B 142 0.88 5.97 34.12
N ASN B 143 0.54 4.71 33.83
CA ASN B 143 0.36 3.73 34.88
C ASN B 143 1.69 3.22 35.41
N ILE B 144 2.67 3.10 34.52
CA ILE B 144 4.00 2.68 34.94
C ILE B 144 4.58 3.75 35.87
N ILE B 145 4.30 5.01 35.56
CA ILE B 145 4.73 6.11 36.40
C ILE B 145 4.13 5.97 37.80
N SER B 146 2.84 5.62 37.85
CA SER B 146 2.13 5.48 39.12
C SER B 146 2.75 4.43 40.07
N GLN B 147 3.41 3.43 39.50
CA GLN B 147 4.04 2.40 40.33
C GLN B 147 5.25 2.95 41.08
N GLY B 148 5.70 4.13 40.69
CA GLY B 148 6.86 4.74 41.35
C GLY B 148 8.12 3.90 41.29
N VAL B 149 8.29 3.11 40.23
CA VAL B 149 9.45 2.23 40.12
C VAL B 149 10.58 2.82 39.26
N LEU B 150 10.22 3.59 38.25
CA LEU B 150 11.19 4.08 37.28
C LEU B 150 12.24 4.96 37.94
N LYS B 151 13.50 4.79 37.53
CA LYS B 151 14.57 5.68 37.96
C LYS B 151 14.25 7.13 37.58
N GLU B 152 13.77 7.32 36.36
CA GLU B 152 13.27 8.62 35.91
C GLU B 152 12.07 8.43 34.99
N ASP B 153 11.16 9.38 35.00
CA ASP B 153 9.96 9.29 34.19
C ASP B 153 10.26 9.63 32.73
N VAL B 154 11.22 8.92 32.15
CA VAL B 154 11.48 9.01 30.73
C VAL B 154 11.39 7.61 30.11
N PHE B 155 11.37 7.59 28.78
CA PHE B 155 11.70 6.38 28.05
C PHE B 155 12.51 6.76 26.83
N SER B 156 13.21 5.79 26.25
CA SER B 156 14.22 6.05 25.23
C SER B 156 14.08 5.12 24.04
N PHE B 157 14.44 5.62 22.86
CA PHE B 157 14.40 4.80 21.64
C PHE B 157 15.73 4.76 20.91
N TYR B 158 16.25 3.54 20.70
CA TYR B 158 17.30 3.30 19.72
C TYR B 158 16.76 2.48 18.54
N TYR B 159 17.02 2.94 17.32
CA TYR B 159 16.68 2.16 16.12
C TYR B 159 17.95 1.89 15.33
N ASN B 160 18.29 0.62 15.17
CA ASN B 160 19.47 0.21 14.41
C ASN B 160 19.15 0.17 12.92
N ARG B 161 20.18 0.06 12.09
CA ARG B 161 20.04 -0.29 10.67
C ARG B 161 20.54 -1.73 10.51
N ASP B 162 19.74 -2.60 9.90
CA ASP B 162 20.16 -3.98 9.72
C ASP B 162 20.76 -4.20 8.34
N SER B 168 23.39 -5.84 14.91
CA SER B 168 22.32 -6.75 14.52
C SER B 168 21.32 -6.97 15.66
N LEU B 169 21.47 -6.18 16.73
CA LEU B 169 20.31 -5.82 17.55
C LEU B 169 19.47 -4.86 16.70
N GLY B 170 18.18 -5.14 16.59
CA GLY B 170 17.36 -4.37 15.68
C GLY B 170 17.01 -3.00 16.22
N GLY B 171 16.76 -2.95 17.53
CA GLY B 171 16.39 -1.71 18.18
C GLY B 171 16.31 -1.93 19.68
N GLN B 172 16.08 -0.86 20.43
CA GLN B 172 15.90 -0.98 21.87
C GLN B 172 15.13 0.19 22.44
N ILE B 173 14.18 -0.13 23.31
CA ILE B 173 13.52 0.89 24.12
C ILE B 173 13.98 0.75 25.56
N VAL B 174 14.28 1.88 26.19
CA VAL B 174 14.56 1.89 27.61
C VAL B 174 13.45 2.63 28.34
N LEU B 175 12.90 1.98 29.36
CA LEU B 175 11.95 2.64 30.24
C LEU B 175 12.66 3.07 31.53
N GLY B 176 12.62 4.37 31.81
CA GLY B 176 13.23 4.87 33.02
C GLY B 176 14.55 5.58 32.81
N GLY B 177 15.06 5.51 31.58
CA GLY B 177 16.33 6.16 31.28
C GLY B 177 16.71 6.06 29.81
N SER B 178 18.01 6.21 29.54
CA SER B 178 18.57 6.01 28.22
C SER B 178 19.80 5.11 28.32
N ASP B 179 20.12 4.42 27.22
CA ASP B 179 21.27 3.53 27.18
C ASP B 179 22.49 4.20 26.54
N PRO B 180 23.50 4.55 27.35
CA PRO B 180 24.68 5.28 26.86
C PRO B 180 25.47 4.46 25.86
N GLN B 181 25.20 3.16 25.80
CA GLN B 181 25.86 2.28 24.83
C GLN B 181 25.39 2.54 23.40
N HIS B 182 24.28 3.26 23.26
CA HIS B 182 23.68 3.45 21.94
C HIS B 182 23.60 4.90 21.48
N TYR B 183 24.25 5.79 22.22
CA TYR B 183 24.51 7.13 21.72
C TYR B 183 25.88 7.61 22.19
N GLU B 184 26.35 8.70 21.59
CA GLU B 184 27.61 9.29 21.97
C GLU B 184 27.41 10.78 22.22
N GLY B 185 28.34 11.39 22.95
CA GLY B 185 28.20 12.80 23.29
C GLY B 185 27.07 13.04 24.27
N ASN B 186 26.47 14.22 24.22
CA ASN B 186 25.40 14.56 25.15
C ASN B 186 24.09 14.85 24.46
N PHE B 187 23.00 14.70 25.20
CA PHE B 187 21.68 15.04 24.69
C PHE B 187 21.50 16.53 24.46
N HIS B 188 20.81 16.88 23.37
CA HIS B 188 20.36 18.24 23.17
C HIS B 188 18.86 18.28 23.48
N TYR B 189 18.48 19.00 24.52
CA TYR B 189 17.10 18.99 24.97
C TYR B 189 16.27 20.12 24.38
N ILE B 190 15.01 19.83 24.08
CA ILE B 190 14.12 20.75 23.39
C ILE B 190 12.73 20.68 24.01
N ASN B 191 12.13 21.84 24.27
CA ASN B 191 10.80 21.88 24.89
C ASN B 191 9.76 21.24 23.99
N LEU B 192 8.71 20.70 24.60
CA LEU B 192 7.50 20.39 23.87
C LEU B 192 6.71 21.68 23.71
N ILE B 193 6.08 21.85 22.54
CA ILE B 193 5.25 23.02 22.27
C ILE B 193 4.12 23.15 23.28
N LYS B 194 3.13 22.27 23.16
CA LYS B 194 2.11 22.15 24.18
C LYS B 194 2.20 20.76 24.79
N THR B 195 1.59 20.58 25.95
CA THR B 195 1.64 19.27 26.59
C THR B 195 0.56 18.39 25.96
N GLY B 196 0.63 17.09 26.17
CA GLY B 196 -0.35 16.20 25.57
C GLY B 196 0.09 15.59 24.25
N VAL B 197 1.22 16.01 23.72
CA VAL B 197 1.73 15.48 22.47
C VAL B 197 3.25 15.65 22.34
N TRP B 198 3.92 14.61 21.82
CA TRP B 198 5.37 14.65 21.66
C TRP B 198 5.71 15.41 20.39
N GLN B 199 5.53 16.72 20.43
CA GLN B 199 5.66 17.58 19.28
C GLN B 199 6.55 18.76 19.66
N ILE B 200 7.48 19.12 18.78
CA ILE B 200 8.37 20.25 19.03
C ILE B 200 8.31 21.25 17.90
N GLN B 201 8.81 22.45 18.19
CA GLN B 201 8.88 23.52 17.20
C GLN B 201 10.05 23.27 16.24
N MET B 202 9.81 23.48 14.95
CA MET B 202 10.88 23.42 13.96
C MET B 202 11.00 24.77 13.29
N LYS B 203 12.24 25.22 13.05
CA LYS B 203 12.45 26.55 12.50
C LYS B 203 13.07 26.54 11.11
N GLY B 204 13.01 25.40 10.42
CA GLY B 204 13.48 25.39 9.05
C GLY B 204 13.90 24.02 8.56
N VAL B 205 13.58 23.76 7.29
CA VAL B 205 14.03 22.55 6.64
C VAL B 205 14.87 22.95 5.44
N SER B 206 16.10 22.46 5.41
CA SER B 206 17.07 22.89 4.41
C SER B 206 17.48 21.73 3.50
N VAL B 207 17.64 22.02 2.22
CA VAL B 207 18.24 21.06 1.29
C VAL B 207 19.61 21.63 0.94
N GLY B 208 20.67 20.88 1.19
CA GLY B 208 21.98 21.49 1.14
C GLY B 208 22.02 22.71 2.04
N SER B 209 22.48 23.84 1.51
CA SER B 209 22.57 25.05 2.32
C SER B 209 21.31 25.91 2.22
N SER B 210 20.41 25.55 1.32
CA SER B 210 19.24 26.38 1.05
C SER B 210 18.05 25.98 1.91
N THR B 211 17.59 26.90 2.76
CA THR B 211 16.38 26.66 3.53
C THR B 211 15.21 26.93 2.60
N LEU B 212 14.39 25.92 2.33
CA LEU B 212 13.33 26.08 1.35
C LEU B 212 11.94 25.95 1.94
N LEU B 213 11.86 25.44 3.16
CA LEU B 213 10.57 25.22 3.81
C LEU B 213 10.62 25.63 5.28
N CYS B 214 9.45 25.92 5.84
CA CYS B 214 9.33 26.13 7.28
C CYS B 214 10.14 27.35 7.74
N GLU B 215 10.45 28.24 6.81
CA GLU B 215 11.21 29.44 7.11
C GLU B 215 10.57 30.22 8.27
N ASP B 216 9.25 30.29 8.27
CA ASP B 216 8.52 30.96 9.35
C ASP B 216 8.20 30.01 10.51
N GLY B 217 8.67 28.78 10.42
CA GLY B 217 8.49 27.83 11.49
C GLY B 217 7.33 26.87 11.25
N CYS B 218 7.37 25.73 11.92
CA CYS B 218 6.27 24.77 11.87
C CYS B 218 6.49 23.71 12.95
N LEU B 219 5.66 22.68 12.96
CA LEU B 219 5.72 21.68 14.01
C LEU B 219 6.35 20.36 13.55
N ALA B 220 7.03 19.68 14.48
CA ALA B 220 7.56 18.35 14.21
C ALA B 220 7.07 17.41 15.28
N LEU B 221 6.26 16.42 14.88
CA LEU B 221 5.91 15.32 15.76
C LEU B 221 7.08 14.34 15.73
N VAL B 222 7.60 13.98 16.89
CA VAL B 222 8.66 12.98 16.97
C VAL B 222 8.03 11.61 17.22
N ASP B 223 7.83 10.86 16.14
CA ASP B 223 6.88 9.76 16.12
C ASP B 223 7.55 8.42 15.86
N THR B 224 7.75 7.65 16.93
CA THR B 224 8.51 6.40 16.84
C THR B 224 7.76 5.35 16.03
N GLY B 225 6.45 5.56 15.84
CA GLY B 225 5.66 4.61 15.09
C GLY B 225 5.65 4.88 13.59
N ALA B 226 6.15 6.04 13.20
CA ALA B 226 6.26 6.40 11.79
C ALA B 226 7.54 5.79 11.23
N SER B 227 7.46 5.18 10.05
CA SER B 227 8.63 4.54 9.47
C SER B 227 9.45 5.58 8.70
N TYR B 228 8.78 6.51 8.06
CA TYR B 228 9.46 7.54 7.27
C TYR B 228 9.33 8.89 7.94
N ILE B 229 10.17 9.82 7.55
CA ILE B 229 9.89 11.22 7.82
C ILE B 229 8.70 11.66 6.97
N SER B 230 7.82 12.44 7.59
CA SER B 230 6.59 12.83 6.95
C SER B 230 6.49 14.34 6.89
N GLY B 231 5.99 14.86 5.77
CA GLY B 231 5.66 16.26 5.67
C GLY B 231 4.33 16.41 4.96
N SER B 232 3.78 17.62 4.97
CA SER B 232 2.52 17.88 4.29
C SER B 232 2.76 17.65 2.80
N THR B 233 1.70 17.36 2.07
CA THR B 233 1.83 17.11 0.63
C THR B 233 2.56 18.23 -0.08
N SER B 234 2.21 19.47 0.22
CA SER B 234 2.80 20.60 -0.51
C SER B 234 4.26 20.79 -0.15
N SER B 235 4.62 20.55 1.11
CA SER B 235 6.01 20.66 1.54
C SER B 235 6.85 19.59 0.87
N ILE B 236 6.37 18.35 0.94
CA ILE B 236 7.05 17.22 0.33
C ILE B 236 7.15 17.41 -1.19
N GLU B 237 6.16 18.08 -1.76
CA GLU B 237 6.14 18.31 -3.20
C GLU B 237 7.32 19.19 -3.61
N LYS B 238 7.54 20.29 -2.88
CA LYS B 238 8.71 21.12 -3.06
C LYS B 238 10.01 20.38 -2.74
N LEU B 239 10.03 19.67 -1.61
CA LEU B 239 11.24 18.97 -1.20
C LEU B 239 11.68 17.98 -2.28
N MET B 240 10.72 17.22 -2.81
CA MET B 240 11.03 16.20 -3.79
C MET B 240 11.44 16.81 -5.11
N GLU B 241 10.88 17.98 -5.42
CA GLU B 241 11.30 18.71 -6.62
C GLU B 241 12.77 19.08 -6.52
N ALA B 242 13.20 19.54 -5.35
CA ALA B 242 14.61 19.89 -5.14
C ALA B 242 15.50 18.67 -5.31
N LEU B 243 14.99 17.50 -4.93
CA LEU B 243 15.76 16.27 -4.99
C LEU B 243 15.67 15.59 -6.37
N GLY B 244 14.78 16.09 -7.22
CA GLY B 244 14.60 15.47 -8.53
C GLY B 244 13.99 14.08 -8.45
N ALA B 245 13.33 13.79 -7.34
CA ALA B 245 12.69 12.50 -7.14
C ALA B 245 11.38 12.43 -7.91
N LYS B 246 10.96 11.23 -8.26
CA LYS B 246 9.70 11.00 -8.96
C LYS B 246 8.70 10.30 -8.04
N LYS B 247 7.43 10.63 -8.19
CA LYS B 247 6.39 10.00 -7.40
C LYS B 247 5.96 8.71 -8.08
N ARG B 248 5.87 7.64 -7.30
CA ARG B 248 5.19 6.43 -7.75
C ARG B 248 3.98 6.18 -6.87
N LEU B 249 3.34 5.03 -7.04
CA LEU B 249 2.11 4.75 -6.31
C LEU B 249 2.33 4.78 -4.81
N PHE B 250 3.38 4.12 -4.34
CA PHE B 250 3.59 3.94 -2.91
C PHE B 250 4.73 4.76 -2.33
N ASP B 251 5.38 5.58 -3.16
CA ASP B 251 6.59 6.25 -2.69
C ASP B 251 7.24 7.20 -3.69
N TYR B 252 8.32 7.83 -3.26
CA TYR B 252 9.14 8.64 -4.14
C TYR B 252 10.43 7.87 -4.43
N VAL B 253 10.95 8.02 -5.64
CA VAL B 253 12.21 7.37 -6.03
C VAL B 253 13.16 8.28 -6.79
N VAL B 254 14.44 7.93 -6.76
CA VAL B 254 15.43 8.50 -7.67
C VAL B 254 16.13 7.35 -8.36
N LYS B 255 16.75 7.62 -9.50
CA LYS B 255 17.60 6.63 -10.15
C LYS B 255 18.66 6.25 -9.12
N CYS B 256 18.94 4.97 -8.98
CA CYS B 256 19.78 4.50 -7.87
C CYS B 256 21.18 5.06 -7.93
N ASN B 257 21.71 5.27 -9.14
CA ASN B 257 23.07 5.74 -9.29
C ASN B 257 23.18 7.20 -8.87
N GLU B 258 22.05 7.89 -8.78
CA GLU B 258 22.06 9.32 -8.48
C GLU B 258 21.92 9.60 -6.98
N GLY B 259 21.50 8.58 -6.24
CA GLY B 259 21.29 8.72 -4.81
C GLY B 259 22.46 9.30 -4.03
N PRO B 260 23.67 8.72 -4.18
CA PRO B 260 24.83 9.11 -3.39
C PRO B 260 25.21 10.59 -3.48
N THR B 261 24.85 11.25 -4.57
CA THR B 261 25.15 12.67 -4.65
C THR B 261 23.95 13.61 -4.53
N LEU B 262 22.82 13.10 -4.03
CA LEU B 262 21.74 13.98 -3.61
C LEU B 262 22.26 14.84 -2.47
N PRO B 263 21.68 16.03 -2.28
CA PRO B 263 22.11 16.96 -1.22
C PRO B 263 21.64 16.56 0.18
N ASP B 264 22.38 16.98 1.20
CA ASP B 264 21.94 16.80 2.58
C ASP B 264 20.56 17.42 2.80
N ILE B 265 19.81 16.86 3.75
CA ILE B 265 18.58 17.48 4.23
C ILE B 265 18.74 17.82 5.71
N SER B 266 18.34 19.04 6.10
CA SER B 266 18.53 19.48 7.50
C SER B 266 17.27 20.02 8.17
N PHE B 267 17.07 19.61 9.41
CA PHE B 267 15.97 20.10 10.21
C PHE B 267 16.47 20.98 11.36
N HIS B 268 15.95 22.18 11.43
CA HIS B 268 16.38 23.12 12.46
C HIS B 268 15.53 22.92 13.70
N LEU B 269 16.12 22.33 14.73
CA LEU B 269 15.41 22.06 15.97
C LEU B 269 16.20 22.58 17.17
N GLY B 270 15.53 23.28 18.07
CA GLY B 270 16.20 23.81 19.24
C GLY B 270 17.45 24.59 18.91
N GLY B 271 17.42 25.32 17.79
CA GLY B 271 18.54 26.15 17.41
C GLY B 271 19.72 25.43 16.77
N LYS B 272 19.59 24.12 16.51
CA LYS B 272 20.68 23.35 15.91
C LYS B 272 20.23 22.63 14.63
N GLU B 273 21.18 22.34 13.75
CA GLU B 273 20.86 21.70 12.48
C GLU B 273 21.03 20.18 12.58
N TYR B 274 19.92 19.46 12.41
CA TYR B 274 19.97 18.01 12.38
C TYR B 274 19.95 17.55 10.92
N THR B 275 21.06 16.96 10.50
CA THR B 275 21.30 16.75 9.09
C THR B 275 21.29 15.26 8.72
N LEU B 276 20.58 14.93 7.65
CA LEU B 276 20.64 13.58 7.08
C LEU B 276 21.26 13.66 5.69
N THR B 277 22.29 12.85 5.46
CA THR B 277 22.85 12.78 4.11
C THR B 277 22.00 11.83 3.28
N SER B 278 22.22 11.82 1.97
CA SER B 278 21.47 10.93 1.10
C SER B 278 21.61 9.47 1.54
N ALA B 279 22.74 9.15 2.16
CA ALA B 279 22.94 7.78 2.64
C ALA B 279 21.98 7.47 3.77
N ASP B 280 21.47 8.51 4.43
CA ASP B 280 20.54 8.33 5.54
C ASP B 280 19.09 8.20 5.10
N TYR B 281 18.75 8.74 3.93
CA TYR B 281 17.35 8.74 3.54
C TYR B 281 17.02 8.08 2.20
N VAL B 282 18.03 7.54 1.53
CA VAL B 282 17.79 6.75 0.33
C VAL B 282 18.04 5.26 0.57
N PHE B 283 17.03 4.43 0.34
CA PHE B 283 17.24 2.99 0.38
C PHE B 283 18.05 2.59 -0.84
N GLN B 284 19.35 2.44 -0.68
CA GLN B 284 20.22 2.09 -1.80
C GLN B 284 20.33 0.57 -1.91
N GLU B 285 19.31 -0.05 -2.52
CA GLU B 285 19.30 -1.49 -2.73
C GLU B 285 20.29 -1.84 -3.82
N SER B 286 20.52 -0.89 -4.73
CA SER B 286 21.58 -1.00 -5.71
C SER B 286 22.02 0.41 -6.07
N TYR B 287 23.00 0.51 -6.97
CA TYR B 287 23.50 1.80 -7.40
C TYR B 287 23.45 1.90 -8.91
N SER B 288 22.79 0.93 -9.53
CA SER B 288 22.64 0.94 -10.99
C SER B 288 21.69 2.02 -11.46
N SER B 289 22.08 2.68 -12.54
CA SER B 289 21.25 3.70 -13.19
C SER B 289 19.98 3.08 -13.73
N LYS B 290 19.95 1.76 -13.80
CA LYS B 290 18.82 1.04 -14.39
C LYS B 290 17.72 0.78 -13.36
N LYS B 291 18.03 1.03 -12.09
CA LYS B 291 17.09 0.77 -11.01
C LYS B 291 16.63 2.07 -10.36
N LEU B 292 15.48 2.00 -9.69
CA LEU B 292 14.92 3.13 -8.97
C LEU B 292 15.04 2.86 -7.47
N CYS B 293 15.40 3.89 -6.71
CA CYS B 293 15.57 3.76 -5.27
C CYS B 293 14.63 4.65 -4.45
N THR B 294 13.99 4.04 -3.45
CA THR B 294 13.00 4.72 -2.64
C THR B 294 13.64 5.63 -1.62
N LEU B 295 13.00 6.77 -1.36
CA LEU B 295 13.39 7.64 -0.26
C LEU B 295 12.52 7.34 0.96
N ALA B 296 13.11 7.42 2.14
CA ALA B 296 12.37 7.13 3.36
C ALA B 296 11.71 8.41 3.87
N ILE B 297 11.01 9.08 2.97
CA ILE B 297 10.34 10.34 3.22
C ILE B 297 9.09 10.33 2.35
N HIS B 298 7.96 10.75 2.88
CA HIS B 298 6.75 10.84 2.07
C HIS B 298 5.82 11.92 2.61
N ALA B 299 4.71 12.11 1.91
CA ALA B 299 3.73 13.10 2.29
C ALA B 299 2.69 12.47 3.20
N MET B 300 2.35 13.19 4.28
CA MET B 300 1.21 12.84 5.11
C MET B 300 0.57 14.10 5.66
N ASP B 301 -0.72 14.27 5.38
CA ASP B 301 -1.44 15.43 5.89
C ASP B 301 -2.13 15.08 7.20
N ILE B 302 -1.47 15.43 8.30
CA ILE B 302 -2.00 15.14 9.62
C ILE B 302 -2.91 16.29 10.05
N PRO B 303 -4.16 15.96 10.42
CA PRO B 303 -5.18 16.95 10.74
C PRO B 303 -4.96 17.61 12.10
N PRO B 304 -5.50 18.82 12.27
CA PRO B 304 -5.59 19.40 13.62
C PRO B 304 -6.37 18.44 14.51
N PRO B 305 -6.27 18.63 15.83
CA PRO B 305 -5.49 19.68 16.49
C PRO B 305 -3.98 19.49 16.38
N THR B 306 -3.54 18.27 16.08
CA THR B 306 -2.12 17.96 16.08
C THR B 306 -1.38 18.49 14.87
N GLY B 307 -1.95 18.30 13.69
CA GLY B 307 -1.35 18.83 12.47
C GLY B 307 -1.96 20.15 12.08
N PRO B 308 -1.55 20.75 10.94
CA PRO B 308 -0.49 20.25 10.05
C PRO B 308 0.84 20.16 10.76
N THR B 309 1.59 19.10 10.48
CA THR B 309 2.88 18.93 11.14
C THR B 309 3.75 17.98 10.35
N TRP B 310 5.07 18.16 10.47
CA TRP B 310 6.01 17.15 10.04
C TRP B 310 5.98 16.03 11.08
N ALA B 311 6.38 14.85 10.67
CA ALA B 311 6.62 13.77 11.63
C ALA B 311 8.03 13.25 11.42
N LEU B 312 8.79 13.16 12.51
CA LEU B 312 10.13 12.63 12.45
C LEU B 312 10.13 11.18 12.91
N GLY B 313 10.09 10.27 11.94
CA GLY B 313 9.97 8.85 12.24
C GLY B 313 11.31 8.12 12.19
N ALA B 314 11.26 6.83 11.87
CA ALA B 314 12.43 5.96 11.95
C ALA B 314 13.63 6.48 11.18
N THR B 315 13.39 7.13 10.05
CA THR B 315 14.48 7.67 9.24
C THR B 315 15.33 8.61 10.10
N PHE B 316 14.67 9.48 10.84
CA PHE B 316 15.35 10.47 11.69
C PHE B 316 15.93 9.79 12.92
N ILE B 317 15.14 8.93 13.55
CA ILE B 317 15.50 8.31 14.82
C ILE B 317 16.69 7.36 14.70
N ARG B 318 16.82 6.70 13.56
CA ARG B 318 18.00 5.87 13.29
C ARG B 318 19.30 6.64 13.52
N LYS B 319 19.29 7.93 13.20
CA LYS B 319 20.52 8.70 13.31
C LYS B 319 20.62 9.40 14.65
N PHE B 320 19.48 9.74 15.23
CA PHE B 320 19.46 10.43 16.50
C PHE B 320 18.67 9.68 17.56
N TYR B 321 19.40 9.04 18.46
CA TYR B 321 18.83 8.40 19.64
C TYR B 321 17.96 9.43 20.36
N THR B 322 16.76 9.01 20.78
CA THR B 322 15.72 9.93 21.22
C THR B 322 15.15 9.58 22.62
N GLU B 323 15.25 10.53 23.53
CA GLU B 323 14.68 10.39 24.87
C GLU B 323 13.42 11.22 25.02
N PHE B 324 12.34 10.60 25.47
CA PHE B 324 11.09 11.30 25.73
C PHE B 324 10.94 11.51 27.25
N ASP B 325 10.91 12.77 27.67
CA ASP B 325 11.00 13.11 29.09
C ASP B 325 9.69 13.67 29.63
N ARG B 326 9.05 12.92 30.53
CA ARG B 326 7.74 13.32 31.04
C ARG B 326 7.86 14.21 32.28
N ARG B 327 8.95 14.05 33.01
CA ARG B 327 9.22 14.87 34.18
C ARG B 327 9.36 16.33 33.73
N ASN B 328 10.18 16.54 32.71
CA ASN B 328 10.53 17.90 32.26
C ASN B 328 9.82 18.30 30.97
N ASN B 329 8.84 17.50 30.55
CA ASN B 329 8.13 17.72 29.29
C ASN B 329 9.06 18.18 28.17
N ARG B 330 9.96 17.29 27.75
CA ARG B 330 10.91 17.63 26.69
C ARG B 330 11.39 16.38 25.96
N ILE B 331 12.06 16.62 24.83
CA ILE B 331 12.68 15.56 24.06
C ILE B 331 14.17 15.86 23.93
N GLY B 332 14.99 14.84 24.13
CA GLY B 332 16.42 15.00 23.89
C GLY B 332 16.89 14.18 22.71
N PHE B 333 17.84 14.73 21.96
CA PHE B 333 18.42 14.04 20.82
C PHE B 333 19.92 13.89 21.02
N ALA B 334 20.43 12.68 20.82
CA ALA B 334 21.87 12.42 20.81
C ALA B 334 22.22 11.60 19.58
N LEU B 335 23.45 11.74 19.08
CA LEU B 335 23.93 10.92 17.98
C LEU B 335 23.90 9.44 18.34
N ALA B 336 23.15 8.66 17.58
CA ALA B 336 23.05 7.22 17.81
C ALA B 336 24.33 6.49 17.43
N ARG B 337 24.60 5.37 18.08
CA ARG B 337 25.72 4.51 17.70
C ARG B 337 25.43 3.03 17.99
C1 NAG C . 15.46 -20.85 -22.66
C2 NAG C . 16.22 -21.95 -23.39
C3 NAG C . 17.32 -21.34 -24.27
C4 NAG C . 16.77 -20.24 -25.17
C5 NAG C . 16.00 -19.22 -24.32
C6 NAG C . 15.37 -18.07 -25.12
C7 NAG C . 16.77 -24.17 -22.60
C8 NAG C . 17.88 -25.00 -21.97
N2 NAG C . 16.81 -22.86 -22.42
O3 NAG C . 17.92 -22.36 -25.06
O4 NAG C . 17.87 -19.58 -25.86
O5 NAG C . 14.94 -19.88 -23.60
O6 NAG C . 14.46 -18.55 -26.11
O7 NAG C . 15.90 -24.72 -23.26
C1 NAG C . 17.83 -19.54 -27.24
C2 NAG C . 19.02 -18.71 -27.75
C3 NAG C . 19.05 -18.72 -29.27
C4 NAG C . 19.08 -20.16 -29.78
C5 NAG C . 17.89 -20.94 -29.19
C6 NAG C . 17.92 -22.42 -29.58
C7 NAG C . 19.97 -16.77 -26.69
C8 NAG C . 20.72 -15.73 -27.50
N2 NAG C . 18.92 -17.34 -27.26
O3 NAG C . 20.20 -18.02 -29.74
O4 NAG C . 19.00 -20.17 -31.20
O5 NAG C . 17.93 -20.88 -27.74
O6 NAG C . 19.15 -23.03 -29.23
O7 NAG C . 20.33 -17.05 -25.54
C1 72X D . -4.62 -4.25 -7.90
O2 72X D . -5.81 -3.56 -7.47
C3 72X D . -4.03 -5.09 -6.69
C4 72X D . -4.56 -5.20 -5.34
C5 72X D . -2.74 -5.84 -7.08
C6 72X D . -3.85 -6.03 -4.36
C7 72X D . -2.08 -6.65 -6.08
C8 72X D . -2.63 -6.74 -4.72
C15 72X D . -5.05 -5.23 -9.07
C18 72X D . -6.07 -6.37 -8.80
C21 72X D . -6.40 -7.30 -10.00
C24 72X D . -7.04 -6.58 -11.21
O27 72X D . -8.19 -5.89 -10.81
C28 72X D . -8.80 -5.19 -11.87
C32 72X D . -1.58 -3.21 -13.04
C33 72X D . -2.17 -2.56 -14.33
C34 72X D . -1.71 -4.76 -13.00
N35 72X D . -1.52 -3.05 -15.56
C36 72X D . -1.12 -5.49 -11.77
C37 72X D . -1.33 -7.02 -11.87
C38 72X D . -0.76 -7.81 -10.66
C39 72X D . 0.73 -7.49 -10.33
C40 72X D . 0.46 -5.21 -11.61
C41 72X D . 1.11 -5.94 -10.37
N42 72X D . -2.28 -2.70 -11.87
C43 72X D . -1.97 -1.60 -11.09
O44 72X D . -1.00 -0.88 -11.33
N45 72X D . -2.87 -1.38 -10.03
C46 72X D . -2.04 -1.03 -7.85
C47 72X D . -3.06 -2.10 -7.34
C48 72X D . -3.56 -3.18 -8.47
C49 72X D . -4.09 -2.25 -9.71
C50 72X D . -2.71 -0.30 -9.09
C51 72X D . -0.11 -2.66 -15.70
CL1 72X D . -0.67 -7.47 -6.48
C1 GOL E . -26.42 12.24 10.18
O1 GOL E . -25.25 11.59 10.72
C2 GOL E . -26.52 11.88 8.67
O2 GOL E . -26.62 10.45 8.55
C3 GOL E . -27.75 12.54 8.08
O3 GOL E . -27.86 12.21 6.70
C1 GOL F . -7.55 13.29 -32.62
O1 GOL F . -8.91 13.20 -33.06
C2 GOL F . -7.04 14.72 -32.96
O2 GOL F . -7.86 15.69 -32.29
C3 GOL F . -5.57 14.87 -32.51
O3 GOL F . -5.09 16.19 -32.82
C1 GOL G . 16.10 -24.70 -11.23
O1 GOL G . 14.75 -25.03 -10.83
C2 GOL G . 16.12 -23.26 -11.82
O2 GOL G . 15.67 -22.35 -10.82
C3 GOL G . 17.54 -22.89 -12.26
O3 GOL G . 17.54 -21.56 -12.80
C1 GOL H . 7.40 -4.98 -16.67
O1 GOL H . 6.94 -5.72 -15.52
C2 GOL H . 6.16 -4.59 -17.52
O2 GOL H . 5.30 -3.80 -16.72
C3 GOL H . 6.61 -3.79 -18.76
O3 GOL H . 5.48 -3.44 -19.56
CL CL I . -4.54 18.50 -17.43
C1 72X J . 4.04 1.34 9.11
O2 72X J . 5.20 1.50 8.28
C3 72X J . 3.22 0.08 8.63
C4 72X J . 3.54 -0.83 7.53
C5 72X J . 1.93 -0.13 9.47
C6 72X J . 2.64 -1.94 7.24
C7 72X J . 1.08 -1.25 9.16
C8 72X J . 1.41 -2.15 8.05
C15 72X J . 4.56 1.11 10.60
C18 72X J . 5.45 -0.11 10.94
C21 72X J . 5.89 -0.28 12.42
C24 72X J . 6.61 0.93 13.03
O27 72X J . 7.90 1.04 12.48
C28 72X J . 8.61 2.14 13.00
C32 72X J . 1.72 5.55 12.92
C33 72X J . 2.44 6.79 13.54
C34 72X J . 1.75 4.27 13.80
N35 72X J . 1.88 7.19 14.85
C36 72X J . 1.06 3.00 13.24
C37 72X J . 1.17 1.81 14.24
C38 72X J . 0.50 0.49 13.73
C39 72X J . -0.97 0.66 13.23
C40 72X J . -0.50 3.24 12.92
C41 72X J . -1.24 1.97 12.34
N42 72X J . 2.31 5.20 11.62
C43 72X J . 1.99 5.68 10.36
O44 72X J . 1.10 6.54 10.20
N45 72X J . 2.75 5.11 9.32
C46 72X J . 1.71 4.27 7.36
C47 72X J . 2.58 2.98 7.51
C48 72X J . 3.13 2.67 9.03
C49 72X J . 3.85 4.06 9.49
C50 72X J . 2.55 5.49 7.93
C51 72X J . 0.55 7.82 14.78
CL1 72X J . -0.34 -1.51 10.07
C1 NAG K . -14.76 -0.05 31.76
C2 NAG K . -15.91 0.23 32.73
C3 NAG K . -16.24 1.72 32.72
C4 NAG K . -14.99 2.55 33.02
C5 NAG K . -13.86 2.15 32.07
C6 NAG K . -12.56 2.85 32.40
C7 NAG K . -17.39 -1.64 33.08
C8 NAG K . -17.52 -2.95 32.31
N2 NAG K . -17.08 -0.55 32.38
O3 NAG K . -17.25 1.99 33.70
O4 NAG K . -15.27 3.93 32.88
O5 NAG K . -13.61 0.73 32.13
O6 NAG K . -12.69 3.69 33.54
O7 NAG K . -17.56 -1.62 34.29
C1 GOL L . 23.18 18.33 16.57
O1 GOL L . 23.59 17.93 15.26
C2 GOL L . 22.82 17.04 17.39
O2 GOL L . 23.98 16.19 17.44
C3 GOL L . 22.38 17.43 18.80
O3 GOL L . 22.05 16.25 19.54
#